data_2LE3
#
_entry.id   2LE3
#
_entity_poly.entity_id   1
_entity_poly.type   'polypeptide(L)'
_entity_poly.pdbx_seq_one_letter_code
;MAEAHQAVAFQFTVTPDGIDLRLSHEALRQIYLSGLHSWKKK
;
_entity_poly.pdbx_strand_id   A
#
# COMPACT_ATOMS: atom_id res chain seq x y z
N MET A 1 12.26 4.37 16.27
CA MET A 1 12.62 5.05 14.98
C MET A 1 12.03 4.26 13.81
N ALA A 2 12.89 3.50 13.13
CA ALA A 2 12.46 2.71 11.98
C ALA A 2 11.54 1.57 12.41
N GLU A 3 10.52 1.31 11.59
CA GLU A 3 9.57 0.24 11.87
C GLU A 3 9.31 -0.60 10.61
N ALA A 4 9.00 -1.88 10.79
CA ALA A 4 8.75 -2.76 9.66
C ALA A 4 7.52 -2.30 8.88
N HIS A 5 6.52 -1.84 9.61
CA HIS A 5 5.29 -1.36 8.97
C HIS A 5 5.57 -0.17 8.05
N GLN A 6 6.41 0.75 8.52
CA GLN A 6 6.74 1.93 7.73
C GLN A 6 7.56 1.55 6.50
N ALA A 7 8.50 0.62 6.66
CA ALA A 7 9.34 0.19 5.55
C ALA A 7 8.50 -0.48 4.45
N VAL A 8 7.51 -1.26 4.85
CA VAL A 8 6.64 -1.94 3.89
C VAL A 8 5.17 -1.59 4.12
N ALA A 9 4.49 -1.22 3.03
CA ALA A 9 3.08 -0.86 3.10
C ALA A 9 2.23 -1.84 2.30
N PHE A 10 2.89 -2.59 1.42
CA PHE A 10 2.17 -3.56 0.60
C PHE A 10 2.92 -4.89 0.47
N GLN A 11 2.22 -6.00 0.67
CA GLN A 11 2.83 -7.32 0.57
C GLN A 11 2.01 -8.22 -0.33
N PHE A 12 2.71 -8.87 -1.26
CA PHE A 12 2.05 -9.76 -2.20
C PHE A 12 2.70 -11.14 -2.15
N THR A 13 1.91 -12.18 -1.89
CA THR A 13 2.47 -13.52 -1.80
C THR A 13 1.65 -14.52 -2.63
N VAL A 14 2.38 -15.32 -3.40
CA VAL A 14 1.73 -16.33 -4.25
C VAL A 14 1.75 -17.68 -3.53
N THR A 15 0.58 -18.29 -3.37
CA THR A 15 0.50 -19.57 -2.69
C THR A 15 -0.14 -20.60 -3.61
N PRO A 16 0.11 -21.86 -3.41
CA PRO A 16 -0.49 -22.92 -4.26
C PRO A 16 -2.00 -22.71 -4.36
N ASP A 17 -2.63 -22.27 -3.28
CA ASP A 17 -4.06 -22.06 -3.28
C ASP A 17 -4.46 -20.79 -4.03
N GLY A 18 -3.54 -19.85 -4.25
CA GLY A 18 -3.90 -18.64 -4.97
C GLY A 18 -2.89 -17.53 -4.72
N ILE A 19 -3.39 -16.31 -4.52
CA ILE A 19 -2.54 -15.18 -4.26
C ILE A 19 -3.09 -14.41 -3.07
N ASP A 20 -2.20 -13.78 -2.33
CA ASP A 20 -2.58 -12.99 -1.17
C ASP A 20 -1.97 -11.60 -1.28
N LEU A 21 -2.75 -10.60 -0.93
CA LEU A 21 -2.25 -9.23 -0.99
C LEU A 21 -2.67 -8.49 0.27
N ARG A 22 -1.68 -7.92 0.96
CA ARG A 22 -1.94 -7.20 2.19
C ARG A 22 -1.47 -5.75 2.07
N LEU A 23 -2.31 -4.86 2.59
CA LEU A 23 -1.98 -3.44 2.53
C LEU A 23 -2.33 -2.76 3.85
N SER A 24 -1.42 -1.93 4.32
CA SER A 24 -1.62 -1.22 5.58
C SER A 24 -2.54 -0.01 5.40
N HIS A 25 -3.24 0.35 6.48
CA HIS A 25 -4.15 1.49 6.46
C HIS A 25 -3.40 2.74 6.03
N GLU A 26 -2.09 2.75 6.33
CA GLU A 26 -1.23 3.87 5.97
C GLU A 26 -1.04 3.94 4.46
N ALA A 27 -0.95 2.78 3.81
CA ALA A 27 -0.79 2.72 2.37
C ALA A 27 -2.00 3.32 1.69
N LEU A 28 -3.16 3.17 2.32
CA LEU A 28 -4.41 3.69 1.79
C LEU A 28 -4.44 5.22 1.85
N ARG A 29 -3.92 5.76 2.94
CA ARG A 29 -3.89 7.21 3.13
C ARG A 29 -3.05 7.89 2.06
N GLN A 30 -1.93 7.30 1.68
CA GLN A 30 -1.05 7.89 0.67
C GLN A 30 -1.72 7.82 -0.70
N ILE A 31 -2.33 6.68 -0.98
CA ILE A 31 -2.98 6.48 -2.28
C ILE A 31 -4.15 7.43 -2.50
N TYR A 32 -5.04 7.63 -1.53
CA TYR A 32 -6.17 8.52 -1.73
C TYR A 32 -5.70 9.95 -1.96
N LEU A 33 -4.79 10.42 -1.12
CA LEU A 33 -4.28 11.78 -1.25
C LEU A 33 -3.55 11.97 -2.58
N SER A 34 -2.72 11.00 -2.98
CA SER A 34 -2.00 11.12 -4.25
C SER A 34 -2.98 11.25 -5.41
N GLY A 35 -4.11 10.57 -5.29
CA GLY A 35 -5.14 10.61 -6.32
C GLY A 35 -5.86 11.96 -6.30
N LEU A 36 -6.06 12.47 -5.09
CA LEU A 36 -6.74 13.74 -4.92
C LEU A 36 -6.01 14.83 -5.68
N HIS A 37 -4.69 14.76 -5.65
CA HIS A 37 -3.87 15.73 -6.37
C HIS A 37 -3.89 15.44 -7.86
N SER A 38 -4.01 14.16 -8.21
CA SER A 38 -4.04 13.76 -9.61
C SER A 38 -5.25 14.39 -10.30
N TRP A 39 -6.41 14.35 -9.67
CA TRP A 39 -7.60 14.95 -10.27
C TRP A 39 -7.46 16.47 -10.33
N LYS A 40 -6.80 17.02 -9.31
CA LYS A 40 -6.58 18.46 -9.24
C LYS A 40 -5.60 18.93 -10.30
N LYS A 41 -5.88 20.09 -10.89
CA LYS A 41 -5.01 20.65 -11.92
C LYS A 41 -3.73 21.20 -11.30
N LYS A 42 -2.61 21.00 -11.98
CA LYS A 42 -1.34 21.50 -11.49
C LYS A 42 -1.18 22.98 -11.83
N MET A 1 4.34 12.25 11.49
CA MET A 1 5.58 11.67 12.08
C MET A 1 5.28 10.29 12.64
N ALA A 2 4.95 9.36 11.76
CA ALA A 2 4.64 8.00 12.20
C ALA A 2 5.86 7.38 12.87
N GLU A 3 7.03 7.64 12.31
CA GLU A 3 8.27 7.12 12.87
C GLU A 3 8.20 5.60 13.03
N ALA A 4 7.44 4.95 12.14
CA ALA A 4 7.30 3.51 12.20
C ALA A 4 8.59 2.84 11.75
N HIS A 5 8.92 1.71 12.37
CA HIS A 5 10.14 0.99 12.03
C HIS A 5 9.81 -0.32 11.33
N GLN A 6 10.61 -0.65 10.32
CA GLN A 6 10.39 -1.88 9.54
C GLN A 6 8.92 -2.05 9.21
N ALA A 7 8.49 -1.45 8.11
CA ALA A 7 7.10 -1.55 7.70
C ALA A 7 6.97 -1.46 6.17
N VAL A 8 5.97 -2.16 5.64
CA VAL A 8 5.72 -2.16 4.20
C VAL A 8 4.30 -1.71 3.90
N ALA A 9 4.17 -0.85 2.89
CA ALA A 9 2.85 -0.35 2.51
C ALA A 9 2.02 -1.47 1.88
N PHE A 10 2.69 -2.30 1.08
CA PHE A 10 1.99 -3.39 0.41
C PHE A 10 2.81 -4.68 0.32
N GLN A 11 2.15 -5.82 0.52
CA GLN A 11 2.81 -7.12 0.44
C GLN A 11 2.00 -8.07 -0.43
N PHE A 12 2.71 -8.76 -1.33
CA PHE A 12 2.05 -9.71 -2.24
C PHE A 12 2.71 -11.08 -2.14
N THR A 13 1.91 -12.11 -1.81
CA THR A 13 2.44 -13.48 -1.67
C THR A 13 1.65 -14.49 -2.50
N VAL A 14 2.39 -15.33 -3.22
CA VAL A 14 1.74 -16.35 -4.06
C VAL A 14 1.75 -17.70 -3.36
N THR A 15 0.56 -18.31 -3.23
CA THR A 15 0.46 -19.62 -2.59
C THR A 15 -0.19 -20.61 -3.55
N PRO A 16 0.10 -21.88 -3.45
CA PRO A 16 -0.51 -22.88 -4.35
C PRO A 16 -2.01 -22.67 -4.43
N ASP A 17 -2.65 -22.23 -3.35
CA ASP A 17 -4.09 -22.01 -3.34
C ASP A 17 -4.47 -20.72 -4.06
N GLY A 18 -3.54 -19.77 -4.25
CA GLY A 18 -3.90 -18.55 -4.93
C GLY A 18 -2.88 -17.44 -4.69
N ILE A 19 -3.37 -16.22 -4.49
CA ILE A 19 -2.53 -15.08 -4.24
C ILE A 19 -3.08 -14.29 -3.06
N ASP A 20 -2.16 -13.65 -2.34
CA ASP A 20 -2.52 -12.85 -1.18
C ASP A 20 -1.96 -11.45 -1.33
N LEU A 21 -2.76 -10.44 -0.98
CA LEU A 21 -2.29 -9.07 -1.07
C LEU A 21 -2.68 -8.32 0.19
N ARG A 22 -1.67 -7.82 0.91
CA ARG A 22 -1.90 -7.10 2.16
C ARG A 22 -1.44 -5.66 2.05
N LEU A 23 -2.26 -4.77 2.57
CA LEU A 23 -1.92 -3.35 2.53
C LEU A 23 -2.28 -2.68 3.84
N SER A 24 -1.38 -1.87 4.36
CA SER A 24 -1.61 -1.18 5.62
C SER A 24 -2.54 0.01 5.42
N HIS A 25 -3.23 0.39 6.49
CA HIS A 25 -4.14 1.52 6.43
C HIS A 25 -3.39 2.78 6.01
N GLU A 26 -2.09 2.79 6.32
CA GLU A 26 -1.24 3.91 5.96
C GLU A 26 -1.07 3.97 4.45
N ALA A 27 -0.92 2.79 3.84
CA ALA A 27 -0.75 2.71 2.39
C ALA A 27 -1.98 3.28 1.68
N LEU A 28 -3.14 3.10 2.31
CA LEU A 28 -4.40 3.59 1.77
C LEU A 28 -4.45 5.11 1.83
N ARG A 29 -3.94 5.67 2.92
CA ARG A 29 -3.93 7.12 3.12
C ARG A 29 -3.08 7.79 2.05
N GLN A 30 -1.96 7.20 1.67
CA GLN A 30 -1.09 7.77 0.64
C GLN A 30 -1.75 7.69 -0.72
N ILE A 31 -2.36 6.55 -1.02
CA ILE A 31 -3.00 6.35 -2.31
C ILE A 31 -4.15 7.31 -2.53
N TYR A 32 -5.04 7.50 -1.56
CA TYR A 32 -6.17 8.41 -1.74
C TYR A 32 -5.69 9.84 -1.97
N LEU A 33 -4.79 10.30 -1.10
CA LEU A 33 -4.27 11.65 -1.21
C LEU A 33 -3.52 11.83 -2.53
N SER A 34 -2.71 10.84 -2.91
CA SER A 34 -1.97 10.92 -4.17
C SER A 34 -2.94 11.04 -5.34
N GLY A 35 -4.07 10.36 -5.23
CA GLY A 35 -5.08 10.40 -6.27
C GLY A 35 -5.80 11.74 -6.24
N LEU A 36 -5.98 12.27 -5.04
CA LEU A 36 -6.67 13.54 -4.85
C LEU A 36 -5.93 14.66 -5.58
N HIS A 37 -4.59 14.59 -5.55
CA HIS A 37 -3.77 15.58 -6.23
C HIS A 37 -3.78 15.31 -7.73
N SER A 38 -3.90 14.04 -8.09
CA SER A 38 -3.93 13.65 -9.49
C SER A 38 -5.15 14.27 -10.17
N TRP A 39 -6.31 14.21 -9.52
CA TRP A 39 -7.52 14.78 -10.08
C TRP A 39 -7.43 16.31 -10.15
N LYS A 40 -6.78 16.90 -9.14
CA LYS A 40 -6.64 18.35 -9.10
C LYS A 40 -5.23 18.75 -8.71
N LYS A 41 -4.66 19.70 -9.45
CA LYS A 41 -3.31 20.18 -9.17
C LYS A 41 -3.32 21.10 -7.94
N LYS A 42 -2.41 20.82 -7.02
CA LYS A 42 -2.32 21.62 -5.79
C LYS A 42 -1.06 21.21 -5.01
N MET A 1 1.43 -11.34 15.12
CA MET A 1 2.49 -10.65 14.34
C MET A 1 3.61 -10.20 15.29
N ALA A 2 4.86 -10.34 14.84
CA ALA A 2 6.00 -9.95 15.65
C ALA A 2 5.98 -8.45 15.94
N GLU A 3 5.62 -7.66 14.93
CA GLU A 3 5.56 -6.21 15.09
C GLU A 3 4.13 -5.71 14.94
N ALA A 4 3.71 -4.81 15.83
CA ALA A 4 2.37 -4.27 15.77
C ALA A 4 2.16 -3.50 14.47
N HIS A 5 3.21 -2.79 14.05
CA HIS A 5 3.14 -2.01 12.82
C HIS A 5 3.82 -2.75 11.68
N GLN A 6 3.14 -2.83 10.54
CA GLN A 6 3.70 -3.52 9.37
C GLN A 6 4.87 -2.74 8.81
N ALA A 7 5.96 -3.46 8.58
CA ALA A 7 7.17 -2.84 8.04
C ALA A 7 7.05 -2.64 6.54
N VAL A 8 5.99 -3.20 5.95
CA VAL A 8 5.80 -3.09 4.51
C VAL A 8 4.42 -2.51 4.19
N ALA A 9 4.41 -1.55 3.28
CA ALA A 9 3.17 -0.90 2.87
C ALA A 9 2.31 -1.84 2.04
N PHE A 10 2.95 -2.55 1.11
CA PHE A 10 2.23 -3.49 0.26
C PHE A 10 2.98 -4.81 0.15
N GLN A 11 2.28 -5.92 0.39
CA GLN A 11 2.90 -7.24 0.32
C GLN A 11 2.05 -8.19 -0.53
N PHE A 12 2.74 -8.93 -1.39
CA PHE A 12 2.06 -9.87 -2.28
C PHE A 12 2.72 -11.24 -2.22
N THR A 13 1.94 -12.27 -1.87
CA THR A 13 2.50 -13.62 -1.76
C THR A 13 1.68 -14.65 -2.55
N VAL A 14 2.40 -15.46 -3.32
CA VAL A 14 1.74 -16.49 -4.14
C VAL A 14 1.79 -17.84 -3.42
N THR A 15 0.63 -18.47 -3.25
CA THR A 15 0.56 -19.77 -2.59
C THR A 15 -0.11 -20.78 -3.49
N PRO A 16 0.16 -22.06 -3.32
CA PRO A 16 -0.48 -23.11 -4.15
C PRO A 16 -1.99 -22.88 -4.25
N ASP A 17 -2.63 -22.45 -3.17
CA ASP A 17 -4.06 -22.22 -3.18
C ASP A 17 -4.45 -20.94 -3.92
N GLY A 18 -3.52 -20.00 -4.13
CA GLY A 18 -3.88 -18.78 -4.84
C GLY A 18 -2.88 -17.66 -4.61
N ILE A 19 -3.39 -16.45 -4.39
CA ILE A 19 -2.55 -15.30 -4.14
C ILE A 19 -3.09 -14.52 -2.94
N ASP A 20 -2.19 -13.83 -2.25
CA ASP A 20 -2.54 -13.03 -1.09
C ASP A 20 -1.95 -11.64 -1.22
N LEU A 21 -2.72 -10.63 -0.85
CA LEU A 21 -2.23 -9.27 -0.93
C LEU A 21 -2.60 -8.50 0.33
N ARG A 22 -1.60 -7.92 0.97
CA ARG A 22 -1.80 -7.16 2.20
C ARG A 22 -1.36 -5.71 2.05
N LEU A 23 -2.20 -4.82 2.55
CA LEU A 23 -1.87 -3.40 2.47
C LEU A 23 -2.23 -2.70 3.78
N SER A 24 -1.33 -1.87 4.28
CA SER A 24 -1.55 -1.15 5.54
C SER A 24 -2.52 0.02 5.33
N HIS A 25 -3.24 0.37 6.40
CA HIS A 25 -4.20 1.47 6.35
C HIS A 25 -3.51 2.74 5.88
N GLU A 26 -2.21 2.82 6.15
CA GLU A 26 -1.43 3.98 5.73
C GLU A 26 -1.28 3.98 4.22
N ALA A 27 -1.11 2.79 3.65
CA ALA A 27 -0.95 2.66 2.22
C ALA A 27 -2.16 3.26 1.50
N LEU A 28 -3.32 3.09 2.14
CA LEU A 28 -4.56 3.63 1.61
C LEU A 28 -4.57 5.13 1.69
N ARG A 29 -4.05 5.65 2.80
CA ARG A 29 -4.02 7.09 3.03
C ARG A 29 -3.15 7.82 2.01
N GLN A 30 -2.02 7.24 1.61
CA GLN A 30 -1.15 7.89 0.63
C GLN A 30 -1.82 7.88 -0.72
N ILE A 31 -2.43 6.74 -1.04
CA ILE A 31 -3.08 6.59 -2.32
C ILE A 31 -4.24 7.56 -2.51
N TYR A 32 -5.12 7.72 -1.52
CA TYR A 32 -6.24 8.64 -1.66
C TYR A 32 -5.76 10.07 -1.86
N LEU A 33 -4.83 10.49 -1.03
CA LEU A 33 -4.29 11.84 -1.14
C LEU A 33 -3.56 12.04 -2.46
N SER A 34 -2.76 11.07 -2.88
CA SER A 34 -2.04 11.17 -4.14
C SER A 34 -3.02 11.33 -5.30
N GLY A 35 -4.16 10.67 -5.17
CA GLY A 35 -5.19 10.74 -6.20
C GLY A 35 -5.88 12.09 -6.17
N LEU A 36 -6.04 12.63 -4.97
CA LEU A 36 -6.70 13.92 -4.80
C LEU A 36 -5.95 15.01 -5.56
N HIS A 37 -4.61 14.93 -5.53
CA HIS A 37 -3.77 15.89 -6.24
C HIS A 37 -3.80 15.62 -7.74
N SER A 38 -3.90 14.34 -8.09
CA SER A 38 -3.92 13.93 -9.48
C SER A 38 -5.12 14.55 -10.19
N TRP A 39 -6.30 14.51 -9.58
CA TRP A 39 -7.47 15.11 -10.21
C TRP A 39 -7.33 16.63 -10.29
N LYS A 40 -6.71 17.19 -9.26
CA LYS A 40 -6.52 18.64 -9.20
C LYS A 40 -5.38 19.07 -10.12
N LYS A 41 -5.63 20.11 -10.91
CA LYS A 41 -4.62 20.62 -11.82
C LYS A 41 -3.70 21.59 -11.07
N LYS A 42 -2.40 21.48 -11.30
CA LYS A 42 -1.44 22.34 -10.64
C LYS A 42 -1.77 22.42 -9.15
N MET A 1 6.16 3.73 17.47
CA MET A 1 6.33 2.97 16.21
C MET A 1 7.32 3.70 15.30
N ALA A 2 8.51 3.12 15.19
CA ALA A 2 9.55 3.72 14.36
C ALA A 2 9.21 3.56 12.88
N GLU A 3 9.64 4.53 12.08
CA GLU A 3 9.38 4.51 10.65
C GLU A 3 10.02 3.28 10.00
N ALA A 4 11.22 2.90 10.47
CA ALA A 4 11.91 1.75 9.92
C ALA A 4 11.06 0.49 10.04
N HIS A 5 10.24 0.41 11.10
CA HIS A 5 9.37 -0.74 11.30
C HIS A 5 8.34 -0.82 10.19
N GLN A 6 7.81 0.33 9.78
CA GLN A 6 6.80 0.37 8.72
C GLN A 6 7.45 0.49 7.34
N ALA A 7 8.66 -0.02 7.21
CA ALA A 7 9.36 0.03 5.94
C ALA A 7 8.53 -0.63 4.84
N VAL A 8 7.66 -1.54 5.24
CA VAL A 8 6.81 -2.26 4.28
C VAL A 8 5.34 -1.88 4.48
N ALA A 9 4.66 -1.52 3.39
CA ALA A 9 3.25 -1.15 3.46
C ALA A 9 2.39 -2.01 2.54
N PHE A 10 3.04 -2.64 1.56
CA PHE A 10 2.31 -3.48 0.60
C PHE A 10 3.01 -4.82 0.44
N GLN A 11 2.27 -5.92 0.58
CA GLN A 11 2.86 -7.26 0.44
C GLN A 11 2.02 -8.14 -0.46
N PHE A 12 2.72 -8.82 -1.37
CA PHE A 12 2.06 -9.71 -2.34
C PHE A 12 2.69 -11.09 -2.28
N THR A 13 1.90 -12.12 -2.02
CA THR A 13 2.42 -13.48 -1.92
C THR A 13 1.62 -14.50 -2.74
N VAL A 14 2.35 -15.35 -3.44
CA VAL A 14 1.73 -16.40 -4.24
C VAL A 14 1.76 -17.73 -3.48
N THR A 15 0.58 -18.36 -3.30
CA THR A 15 0.52 -19.63 -2.59
C THR A 15 -0.13 -20.68 -3.49
N PRO A 16 0.09 -21.95 -3.24
CA PRO A 16 -0.52 -23.02 -4.05
C PRO A 16 -2.03 -22.80 -4.18
N ASP A 17 -2.70 -22.36 -3.11
CA ASP A 17 -4.14 -22.13 -3.15
C ASP A 17 -4.49 -20.87 -3.92
N GLY A 18 -3.55 -19.93 -4.13
CA GLY A 18 -3.88 -18.72 -4.87
C GLY A 18 -2.87 -17.63 -4.61
N ILE A 19 -3.36 -16.41 -4.44
CA ILE A 19 -2.50 -15.27 -4.17
C ILE A 19 -3.06 -14.47 -3.01
N ASP A 20 -2.17 -13.79 -2.30
CA ASP A 20 -2.54 -12.97 -1.16
C ASP A 20 -1.95 -11.57 -1.31
N LEU A 21 -2.73 -10.55 -0.97
CA LEU A 21 -2.26 -9.17 -1.07
C LEU A 21 -2.65 -8.40 0.18
N ARG A 22 -1.65 -7.86 0.88
CA ARG A 22 -1.88 -7.10 2.11
C ARG A 22 -1.44 -5.65 1.96
N LEU A 23 -2.27 -4.76 2.48
CA LEU A 23 -1.94 -3.34 2.41
C LEU A 23 -2.29 -2.65 3.72
N SER A 24 -1.36 -1.85 4.22
CA SER A 24 -1.56 -1.14 5.48
C SER A 24 -2.49 0.06 5.31
N HIS A 25 -3.19 0.41 6.38
CA HIS A 25 -4.12 1.54 6.36
C HIS A 25 -3.37 2.80 5.94
N GLU A 26 -2.09 2.80 6.25
CA GLU A 26 -1.23 3.92 5.89
C GLU A 26 -1.08 3.98 4.36
N ALA A 27 -0.96 2.80 3.75
CA ALA A 27 -0.83 2.71 2.30
C ALA A 27 -2.04 3.30 1.59
N LEU A 28 -3.20 3.14 2.23
CA LEU A 28 -4.47 3.65 1.69
C LEU A 28 -4.51 5.16 1.73
N ARG A 29 -3.97 5.73 2.81
CA ARG A 29 -3.97 7.17 2.98
C ARG A 29 -3.13 7.85 1.91
N GLN A 30 -2.02 7.25 1.52
CA GLN A 30 -1.17 7.83 0.51
C GLN A 30 -1.84 7.76 -0.85
N ILE A 31 -2.46 6.62 -1.11
CA ILE A 31 -3.11 6.40 -2.38
C ILE A 31 -4.27 7.37 -2.61
N TYR A 32 -5.17 7.56 -1.63
CA TYR A 32 -6.29 8.48 -1.79
C TYR A 32 -5.80 9.91 -1.97
N LEU A 33 -4.88 10.34 -1.11
CA LEU A 33 -4.35 11.69 -1.19
C LEU A 33 -3.62 11.91 -2.51
N SER A 34 -2.82 10.95 -2.96
CA SER A 34 -2.11 11.06 -4.23
C SER A 34 -3.10 11.20 -5.38
N GLY A 35 -4.23 10.51 -5.25
CA GLY A 35 -5.27 10.56 -6.27
C GLY A 35 -5.96 11.92 -6.25
N LEU A 36 -6.15 12.46 -5.05
CA LEU A 36 -6.81 13.74 -4.88
C LEU A 36 -6.02 14.84 -5.57
N HIS A 37 -4.69 14.72 -5.50
CA HIS A 37 -3.80 15.69 -6.13
C HIS A 37 -3.78 15.50 -7.64
N SER A 38 -3.92 14.25 -8.07
CA SER A 38 -3.91 13.92 -9.48
C SER A 38 -5.09 14.60 -10.18
N TRP A 39 -6.29 14.52 -9.60
CA TRP A 39 -7.45 15.16 -10.21
C TRP A 39 -7.30 16.68 -10.18
N LYS A 40 -6.68 17.18 -9.12
CA LYS A 40 -6.48 18.63 -8.99
C LYS A 40 -5.33 19.09 -9.87
N LYS A 41 -5.47 20.29 -10.42
CA LYS A 41 -4.43 20.85 -11.27
C LYS A 41 -3.17 21.11 -10.45
N LYS A 42 -2.04 20.66 -10.95
CA LYS A 42 -0.78 20.85 -10.24
C LYS A 42 -0.63 22.30 -9.82
N MET A 1 4.46 -0.76 18.77
CA MET A 1 4.60 -0.62 17.30
C MET A 1 5.97 -1.12 16.88
N ALA A 2 6.13 -1.33 15.58
CA ALA A 2 7.40 -1.80 15.06
C ALA A 2 7.72 -1.11 13.74
N GLU A 3 9.01 -0.88 13.51
CA GLU A 3 9.46 -0.22 12.29
C GLU A 3 9.21 -1.12 11.08
N ALA A 4 8.96 -2.41 11.32
CA ALA A 4 8.72 -3.33 10.23
C ALA A 4 7.47 -2.94 9.47
N HIS A 5 6.44 -2.53 10.19
CA HIS A 5 5.19 -2.13 9.57
C HIS A 5 5.41 -0.86 8.76
N GLN A 6 6.19 0.05 9.29
CA GLN A 6 6.48 1.30 8.60
C GLN A 6 7.33 1.05 7.36
N ALA A 7 8.27 0.12 7.46
CA ALA A 7 9.15 -0.19 6.34
C ALA A 7 8.36 -0.70 5.14
N VAL A 8 7.33 -1.52 5.41
CA VAL A 8 6.51 -2.06 4.34
C VAL A 8 5.06 -1.58 4.46
N ALA A 9 4.53 -1.06 3.35
CA ALA A 9 3.15 -0.58 3.33
C ALA A 9 2.27 -1.54 2.53
N PHE A 10 2.92 -2.30 1.66
CA PHE A 10 2.20 -3.26 0.83
C PHE A 10 2.94 -4.60 0.72
N GLN A 11 2.24 -5.72 0.91
CA GLN A 11 2.87 -7.04 0.82
C GLN A 11 2.08 -7.95 -0.11
N PHE A 12 2.80 -8.63 -1.00
CA PHE A 12 2.16 -9.52 -1.96
C PHE A 12 2.75 -10.92 -1.90
N THR A 13 1.91 -11.93 -1.64
CA THR A 13 2.39 -13.31 -1.55
C THR A 13 1.58 -14.24 -2.47
N VAL A 14 2.31 -15.02 -3.25
CA VAL A 14 1.66 -15.96 -4.18
C VAL A 14 1.57 -17.36 -3.57
N THR A 15 0.35 -17.91 -3.54
CA THR A 15 0.15 -19.24 -2.98
C THR A 15 -0.49 -20.15 -4.04
N PRO A 16 -0.22 -21.43 -4.02
CA PRO A 16 -0.82 -22.35 -5.03
C PRO A 16 -2.31 -22.05 -5.18
N ASP A 17 -3.00 -21.68 -4.11
CA ASP A 17 -4.43 -21.37 -4.17
C ASP A 17 -4.70 -20.03 -4.83
N GLY A 18 -3.72 -19.13 -4.92
CA GLY A 18 -3.98 -17.84 -5.54
C GLY A 18 -2.94 -16.81 -5.12
N ILE A 19 -3.38 -15.58 -4.85
CA ILE A 19 -2.48 -14.53 -4.42
C ILE A 19 -3.08 -13.81 -3.23
N ASP A 20 -2.18 -13.31 -2.37
CA ASP A 20 -2.58 -12.57 -1.19
C ASP A 20 -2.00 -11.16 -1.26
N LEU A 21 -2.82 -10.16 -0.94
CA LEU A 21 -2.34 -8.78 -0.98
C LEU A 21 -2.75 -8.07 0.30
N ARG A 22 -1.74 -7.60 1.05
CA ARG A 22 -1.99 -6.92 2.32
C ARG A 22 -1.45 -5.49 2.28
N LEU A 23 -2.26 -4.57 2.79
CA LEU A 23 -1.83 -3.18 2.82
C LEU A 23 -2.22 -2.52 4.13
N SER A 24 -1.31 -1.73 4.67
CA SER A 24 -1.55 -1.04 5.93
C SER A 24 -2.46 0.16 5.72
N HIS A 25 -3.15 0.57 6.77
CA HIS A 25 -4.05 1.71 6.72
C HIS A 25 -3.30 2.95 6.28
N GLU A 26 -2.02 2.97 6.63
CA GLU A 26 -1.17 4.09 6.29
C GLU A 26 -0.95 4.13 4.77
N ALA A 27 -0.82 2.94 4.19
CA ALA A 27 -0.62 2.82 2.75
C ALA A 27 -1.82 3.40 2.00
N LEU A 28 -2.99 3.26 2.62
CA LEU A 28 -4.23 3.75 2.04
C LEU A 28 -4.27 5.28 2.05
N ARG A 29 -3.77 5.85 3.13
CA ARG A 29 -3.75 7.30 3.28
C ARG A 29 -2.89 7.94 2.19
N GLN A 30 -1.76 7.34 1.85
CA GLN A 30 -0.89 7.88 0.81
C GLN A 30 -1.54 7.68 -0.55
N ILE A 31 -2.08 6.48 -0.76
CA ILE A 31 -2.71 6.15 -2.04
C ILE A 31 -3.92 7.01 -2.31
N TYR A 32 -4.82 7.24 -1.35
CA TYR A 32 -6.00 8.04 -1.58
C TYR A 32 -5.60 9.48 -1.93
N LEU A 33 -4.73 10.05 -1.11
CA LEU A 33 -4.27 11.40 -1.35
C LEU A 33 -3.55 11.48 -2.69
N SER A 34 -2.68 10.52 -2.98
CA SER A 34 -1.96 10.52 -4.25
C SER A 34 -2.96 10.50 -5.40
N GLY A 35 -4.07 9.80 -5.19
CA GLY A 35 -5.11 9.72 -6.20
C GLY A 35 -5.86 11.04 -6.31
N LEU A 36 -6.08 11.65 -5.15
CA LEU A 36 -6.80 12.92 -5.09
C LEU A 36 -6.09 13.99 -5.91
N HIS A 37 -4.77 13.96 -5.85
CA HIS A 37 -3.96 14.92 -6.59
C HIS A 37 -3.93 14.58 -8.08
N SER A 38 -4.00 13.29 -8.39
CA SER A 38 -3.98 12.83 -9.79
C SER A 38 -5.24 13.29 -10.52
N TRP A 39 -6.41 13.18 -9.88
CA TRP A 39 -7.66 13.59 -10.51
C TRP A 39 -7.69 15.10 -10.70
N LYS A 40 -6.86 15.81 -9.93
CA LYS A 40 -6.81 17.26 -10.01
C LYS A 40 -8.20 17.86 -9.84
N LYS A 41 -8.76 17.72 -8.63
CA LYS A 41 -10.08 18.25 -8.35
C LYS A 41 -10.07 19.77 -8.50
N LYS A 42 -11.08 20.28 -9.21
CA LYS A 42 -11.17 21.72 -9.43
C LYS A 42 -11.49 22.47 -8.14
N MET A 1 14.35 2.98 17.69
CA MET A 1 13.30 3.69 18.48
C MET A 1 13.00 5.03 17.81
N ALA A 2 14.06 5.78 17.49
CA ALA A 2 13.89 7.08 16.87
C ALA A 2 14.15 7.00 15.36
N GLU A 3 13.34 7.73 14.59
CA GLU A 3 13.48 7.73 13.13
C GLU A 3 13.52 6.31 12.59
N ALA A 4 12.83 5.40 13.28
CA ALA A 4 12.81 4.00 12.87
C ALA A 4 11.40 3.57 12.44
N HIS A 5 11.32 2.71 11.44
CA HIS A 5 10.03 2.22 10.96
C HIS A 5 10.15 0.77 10.54
N GLN A 6 9.21 -0.06 11.00
CA GLN A 6 9.21 -1.48 10.68
C GLN A 6 7.83 -1.94 10.22
N ALA A 7 7.58 -1.84 8.91
CA ALA A 7 6.30 -2.25 8.38
C ALA A 7 6.32 -2.22 6.85
N VAL A 8 5.32 -2.85 6.24
CA VAL A 8 5.23 -2.89 4.78
C VAL A 8 3.93 -2.26 4.30
N ALA A 9 4.04 -1.36 3.33
CA ALA A 9 2.87 -0.69 2.79
C ALA A 9 2.02 -1.66 1.97
N PHE A 10 2.69 -2.43 1.11
CA PHE A 10 1.98 -3.38 0.25
C PHE A 10 2.78 -4.69 0.14
N GLN A 11 2.13 -5.82 0.41
CA GLN A 11 2.80 -7.13 0.32
C GLN A 11 1.97 -8.10 -0.53
N PHE A 12 2.67 -8.79 -1.43
CA PHE A 12 2.02 -9.75 -2.31
C PHE A 12 2.69 -11.12 -2.18
N THR A 13 1.91 -12.13 -1.82
CA THR A 13 2.43 -13.48 -1.66
C THR A 13 1.62 -14.50 -2.45
N VAL A 14 2.35 -15.32 -3.18
CA VAL A 14 1.71 -16.34 -4.00
C VAL A 14 1.71 -17.69 -3.27
N THR A 15 0.52 -18.28 -3.10
CA THR A 15 0.41 -19.56 -2.44
C THR A 15 -0.12 -20.58 -3.44
N PRO A 16 0.13 -21.84 -3.24
CA PRO A 16 -0.37 -22.88 -4.17
C PRO A 16 -1.89 -22.79 -4.25
N ASP A 17 -2.53 -22.22 -3.24
CA ASP A 17 -3.98 -22.08 -3.25
C ASP A 17 -4.41 -20.82 -4.00
N GLY A 18 -3.51 -19.85 -4.21
CA GLY A 18 -3.90 -18.63 -4.91
C GLY A 18 -2.90 -17.50 -4.68
N ILE A 19 -3.42 -16.28 -4.50
CA ILE A 19 -2.57 -15.13 -4.26
C ILE A 19 -3.10 -14.35 -3.07
N ASP A 20 -2.17 -13.71 -2.35
CA ASP A 20 -2.51 -12.91 -1.18
C ASP A 20 -1.96 -11.50 -1.36
N LEU A 21 -2.78 -10.50 -1.06
CA LEU A 21 -2.34 -9.12 -1.18
C LEU A 21 -2.70 -8.39 0.10
N ARG A 22 -1.70 -7.84 0.77
CA ARG A 22 -1.91 -7.14 2.03
C ARG A 22 -1.42 -5.70 1.95
N LEU A 23 -2.25 -4.79 2.47
CA LEU A 23 -1.87 -3.38 2.46
C LEU A 23 -2.22 -2.72 3.78
N SER A 24 -1.28 -1.97 4.34
CA SER A 24 -1.50 -1.27 5.60
C SER A 24 -2.44 -0.09 5.40
N HIS A 25 -3.14 0.30 6.45
CA HIS A 25 -4.06 1.42 6.39
C HIS A 25 -3.34 2.68 5.93
N GLU A 26 -2.05 2.73 6.22
CA GLU A 26 -1.24 3.87 5.83
C GLU A 26 -1.10 3.89 4.31
N ALA A 27 -0.95 2.71 3.73
CA ALA A 27 -0.82 2.60 2.28
C ALA A 27 -2.05 3.19 1.60
N LEU A 28 -3.19 3.05 2.27
CA LEU A 28 -4.46 3.58 1.76
C LEU A 28 -4.47 5.10 1.82
N ARG A 29 -3.93 5.64 2.91
CA ARG A 29 -3.90 7.08 3.12
C ARG A 29 -3.06 7.77 2.06
N GLN A 30 -1.95 7.17 1.66
CA GLN A 30 -1.09 7.76 0.65
C GLN A 30 -1.76 7.72 -0.71
N ILE A 31 -2.41 6.60 -1.00
CA ILE A 31 -3.07 6.45 -2.29
C ILE A 31 -4.21 7.44 -2.47
N TYR A 32 -5.10 7.62 -1.47
CA TYR A 32 -6.22 8.55 -1.60
C TYR A 32 -5.72 9.99 -1.80
N LEU A 33 -4.80 10.42 -0.95
CA LEU A 33 -4.25 11.77 -1.05
C LEU A 33 -3.53 11.95 -2.38
N SER A 34 -2.76 10.95 -2.80
CA SER A 34 -2.04 11.01 -4.06
C SER A 34 -3.00 11.18 -5.23
N GLY A 35 -4.14 10.50 -5.12
CA GLY A 35 -5.17 10.57 -6.16
C GLY A 35 -5.86 11.93 -6.18
N LEU A 36 -6.04 12.51 -5.01
CA LEU A 36 -6.68 13.81 -4.91
C LEU A 36 -5.91 14.89 -5.66
N HIS A 37 -4.58 14.79 -5.61
CA HIS A 37 -3.73 15.73 -6.32
C HIS A 37 -3.75 15.44 -7.81
N SER A 38 -3.88 14.16 -8.15
CA SER A 38 -3.92 13.75 -9.55
C SER A 38 -5.14 14.35 -10.25
N TRP A 39 -6.30 14.30 -9.61
CA TRP A 39 -7.49 14.86 -10.22
C TRP A 39 -7.40 16.37 -10.32
N LYS A 40 -6.78 17.00 -9.32
CA LYS A 40 -6.63 18.45 -9.32
C LYS A 40 -5.43 18.88 -10.14
N LYS A 41 -5.57 20.01 -10.85
CA LYS A 41 -4.49 20.53 -11.68
C LYS A 41 -3.59 21.47 -10.89
N LYS A 42 -2.34 21.60 -11.33
CA LYS A 42 -1.38 22.48 -10.64
C LYS A 42 -0.79 23.49 -11.61
N MET A 1 16.75 3.28 -11.99
CA MET A 1 17.41 2.65 -10.83
C MET A 1 16.52 2.82 -9.61
N ALA A 2 15.71 1.79 -9.33
CA ALA A 2 14.79 1.83 -8.19
C ALA A 2 15.53 1.73 -6.86
N GLU A 3 14.96 2.36 -5.84
CA GLU A 3 15.56 2.35 -4.51
C GLU A 3 14.66 1.61 -3.52
N ALA A 4 15.22 0.56 -2.90
CA ALA A 4 14.47 -0.24 -1.94
C ALA A 4 14.26 0.52 -0.63
N HIS A 5 13.15 0.24 0.04
CA HIS A 5 12.84 0.89 1.31
C HIS A 5 12.62 -0.15 2.40
N GLN A 6 13.11 0.13 3.60
CA GLN A 6 12.95 -0.81 4.70
C GLN A 6 11.47 -0.97 5.06
N ALA A 7 10.73 0.14 5.02
CA ALA A 7 9.31 0.11 5.35
C ALA A 7 8.51 -0.60 4.25
N VAL A 8 7.48 -1.34 4.65
CA VAL A 8 6.64 -2.05 3.71
C VAL A 8 5.17 -1.67 3.92
N ALA A 9 4.48 -1.35 2.83
CA ALA A 9 3.08 -0.96 2.91
C ALA A 9 2.21 -1.86 2.04
N PHE A 10 2.87 -2.61 1.15
CA PHE A 10 2.15 -3.50 0.24
C PHE A 10 2.88 -4.85 0.09
N GLN A 11 2.16 -5.96 0.31
CA GLN A 11 2.79 -7.29 0.19
C GLN A 11 1.95 -8.25 -0.65
N PHE A 12 2.63 -8.94 -1.56
CA PHE A 12 1.97 -9.92 -2.43
C PHE A 12 2.66 -11.27 -2.30
N THR A 13 1.91 -12.30 -1.89
CA THR A 13 2.48 -13.63 -1.73
C THR A 13 1.69 -14.69 -2.51
N VAL A 14 2.43 -15.49 -3.25
CA VAL A 14 1.80 -16.55 -4.06
C VAL A 14 1.87 -17.88 -3.30
N THR A 15 0.70 -18.50 -3.08
CA THR A 15 0.67 -19.78 -2.38
C THR A 15 0.03 -20.84 -3.27
N PRO A 16 0.31 -22.10 -3.06
CA PRO A 16 -0.29 -23.17 -3.89
C PRO A 16 -1.81 -22.98 -3.95
N ASP A 17 -2.43 -22.51 -2.88
CA ASP A 17 -3.88 -22.31 -2.86
C ASP A 17 -4.31 -21.06 -3.65
N GLY A 18 -3.42 -20.11 -3.91
CA GLY A 18 -3.81 -18.93 -4.67
C GLY A 18 -2.82 -17.79 -4.49
N ILE A 19 -3.34 -16.57 -4.32
CA ILE A 19 -2.50 -15.41 -4.12
C ILE A 19 -3.05 -14.59 -2.96
N ASP A 20 -2.14 -13.90 -2.29
CA ASP A 20 -2.51 -13.06 -1.16
C ASP A 20 -2.00 -11.65 -1.39
N LEU A 21 -2.81 -10.65 -1.06
CA LEU A 21 -2.41 -9.27 -1.23
C LEU A 21 -2.76 -8.51 0.04
N ARG A 22 -1.75 -7.94 0.69
CA ARG A 22 -1.95 -7.19 1.91
C ARG A 22 -1.57 -5.73 1.72
N LEU A 23 -2.41 -4.86 2.25
CA LEU A 23 -2.16 -3.44 2.13
C LEU A 23 -2.44 -2.76 3.47
N SER A 24 -1.54 -1.89 3.89
CA SER A 24 -1.68 -1.21 5.17
C SER A 24 -2.63 -0.02 5.05
N HIS A 25 -3.27 0.35 6.16
CA HIS A 25 -4.19 1.49 6.17
C HIS A 25 -3.42 2.75 5.77
N GLU A 26 -2.13 2.76 6.09
CA GLU A 26 -1.28 3.89 5.73
C GLU A 26 -1.12 3.97 4.22
N ALA A 27 -1.02 2.80 3.59
CA ALA A 27 -0.88 2.74 2.14
C ALA A 27 -2.09 3.36 1.47
N LEU A 28 -3.25 3.20 2.13
CA LEU A 28 -4.51 3.76 1.64
C LEU A 28 -4.52 5.28 1.76
N ARG A 29 -4.00 5.78 2.86
CA ARG A 29 -3.95 7.21 3.10
C ARG A 29 -3.13 7.91 2.04
N GLN A 30 -2.02 7.33 1.62
CA GLN A 30 -1.18 7.95 0.61
C GLN A 30 -1.87 7.93 -0.74
N ILE A 31 -2.50 6.80 -1.04
CA ILE A 31 -3.16 6.65 -2.33
C ILE A 31 -4.31 7.63 -2.50
N TYR A 32 -5.18 7.81 -1.51
CA TYR A 32 -6.29 8.75 -1.64
C TYR A 32 -5.77 10.16 -1.84
N LEU A 33 -4.84 10.58 -1.00
CA LEU A 33 -4.28 11.91 -1.11
C LEU A 33 -3.55 12.09 -2.44
N SER A 34 -2.73 11.11 -2.83
CA SER A 34 -2.00 11.19 -4.10
C SER A 34 -2.99 11.31 -5.25
N GLY A 35 -4.12 10.63 -5.08
CA GLY A 35 -5.17 10.66 -6.08
C GLY A 35 -5.86 12.01 -6.06
N LEU A 36 -6.03 12.53 -4.86
CA LEU A 36 -6.68 13.82 -4.66
C LEU A 36 -5.90 14.93 -5.36
N HIS A 37 -4.57 14.81 -5.35
CA HIS A 37 -3.72 15.78 -6.01
C HIS A 37 -3.74 15.53 -7.52
N SER A 38 -4.03 14.29 -7.90
CA SER A 38 -4.08 13.91 -9.30
C SER A 38 -5.29 14.55 -9.99
N TRP A 39 -6.07 15.34 -9.25
CA TRP A 39 -7.23 15.98 -9.85
C TRP A 39 -6.82 17.27 -10.56
N LYS A 40 -5.63 17.76 -10.24
CA LYS A 40 -5.11 18.98 -10.84
C LYS A 40 -3.88 18.68 -11.69
N LYS A 41 -3.65 19.50 -12.72
CA LYS A 41 -2.51 19.31 -13.61
C LYS A 41 -1.35 20.20 -13.19
N LYS A 42 -0.14 19.69 -13.34
CA LYS A 42 1.05 20.46 -12.97
C LYS A 42 2.21 20.13 -13.91
N MET A 1 2.22 -9.74 18.85
CA MET A 1 2.01 -11.12 18.32
C MET A 1 2.24 -11.13 16.82
N ALA A 2 2.14 -9.94 16.22
CA ALA A 2 2.33 -9.80 14.78
C ALA A 2 3.76 -10.19 14.40
N GLU A 3 4.71 -9.86 15.28
CA GLU A 3 6.12 -10.17 15.04
C GLU A 3 6.49 -9.92 13.59
N ALA A 4 7.08 -8.75 13.33
CA ALA A 4 7.48 -8.40 11.97
C ALA A 4 8.66 -7.42 12.00
N HIS A 5 9.41 -7.38 10.90
CA HIS A 5 10.57 -6.49 10.82
C HIS A 5 10.24 -5.28 9.94
N GLN A 6 10.51 -4.08 10.46
CA GLN A 6 10.24 -2.86 9.71
C GLN A 6 8.76 -2.79 9.31
N ALA A 7 8.45 -1.99 8.29
CA ALA A 7 7.06 -1.87 7.85
C ALA A 7 6.98 -1.79 6.33
N VAL A 8 5.93 -2.40 5.77
CA VAL A 8 5.73 -2.40 4.33
C VAL A 8 4.33 -1.91 3.97
N ALA A 9 4.26 -1.04 2.99
CA ALA A 9 2.98 -0.50 2.55
C ALA A 9 2.15 -1.57 1.84
N PHE A 10 2.82 -2.38 1.01
CA PHE A 10 2.10 -3.43 0.28
C PHE A 10 2.88 -4.75 0.22
N GLN A 11 2.17 -5.86 0.44
CA GLN A 11 2.77 -7.19 0.40
C GLN A 11 1.96 -8.11 -0.50
N PHE A 12 2.66 -8.77 -1.43
CA PHE A 12 2.00 -9.68 -2.37
C PHE A 12 2.65 -11.06 -2.28
N THR A 13 1.87 -12.10 -1.96
CA THR A 13 2.41 -13.45 -1.83
C THR A 13 1.62 -14.48 -2.63
N VAL A 14 2.36 -15.31 -3.36
CA VAL A 14 1.75 -16.36 -4.15
C VAL A 14 1.79 -17.68 -3.38
N THR A 15 0.63 -18.31 -3.18
CA THR A 15 0.60 -19.59 -2.47
C THR A 15 -0.09 -20.62 -3.35
N PRO A 16 0.17 -21.89 -3.15
CA PRO A 16 -0.46 -22.96 -3.97
C PRO A 16 -1.96 -22.76 -4.07
N ASP A 17 -2.62 -22.26 -3.03
CA ASP A 17 -4.05 -22.07 -3.07
C ASP A 17 -4.45 -20.83 -3.87
N GLY A 18 -3.53 -19.89 -4.13
CA GLY A 18 -3.89 -18.70 -4.89
C GLY A 18 -2.89 -17.57 -4.68
N ILE A 19 -3.39 -16.36 -4.49
CA ILE A 19 -2.53 -15.20 -4.25
C ILE A 19 -3.07 -14.41 -3.07
N ASP A 20 -2.16 -13.72 -2.40
CA ASP A 20 -2.51 -12.89 -1.25
C ASP A 20 -1.93 -11.50 -1.41
N LEU A 21 -2.72 -10.49 -1.06
CA LEU A 21 -2.26 -9.12 -1.16
C LEU A 21 -2.68 -8.35 0.09
N ARG A 22 -1.69 -7.81 0.79
CA ARG A 22 -1.93 -7.06 2.02
C ARG A 22 -1.46 -5.62 1.91
N LEU A 23 -2.31 -4.71 2.39
CA LEU A 23 -1.97 -3.30 2.35
C LEU A 23 -2.31 -2.65 3.69
N SER A 24 -1.39 -1.89 4.23
CA SER A 24 -1.61 -1.22 5.51
C SER A 24 -2.54 -0.03 5.33
N HIS A 25 -3.27 0.30 6.39
CA HIS A 25 -4.20 1.43 6.37
C HIS A 25 -3.45 2.70 5.98
N GLU A 26 -2.16 2.70 6.30
CA GLU A 26 -1.30 3.82 5.98
C GLU A 26 -1.11 3.91 4.47
N ALA A 27 -0.98 2.74 3.84
CA ALA A 27 -0.80 2.64 2.40
C ALA A 27 -2.00 3.26 1.68
N LEU A 28 -3.16 3.13 2.31
CA LEU A 28 -4.40 3.66 1.77
C LEU A 28 -4.40 5.18 1.84
N ARG A 29 -3.89 5.70 2.95
CA ARG A 29 -3.84 7.15 3.17
C ARG A 29 -3.02 7.83 2.08
N GLN A 30 -1.89 7.25 1.68
CA GLN A 30 -1.06 7.86 0.65
C GLN A 30 -1.77 7.75 -0.70
N ILE A 31 -2.38 6.60 -0.96
CA ILE A 31 -3.06 6.37 -2.22
C ILE A 31 -4.25 7.30 -2.43
N TYR A 32 -5.11 7.50 -1.43
CA TYR A 32 -6.27 8.38 -1.60
C TYR A 32 -5.83 9.80 -1.89
N LEU A 33 -4.90 10.30 -1.07
CA LEU A 33 -4.40 11.65 -1.24
C LEU A 33 -3.67 11.80 -2.59
N SER A 34 -2.85 10.83 -2.96
CA SER A 34 -2.13 10.88 -4.22
C SER A 34 -3.11 11.03 -5.39
N GLY A 35 -4.25 10.36 -5.26
CA GLY A 35 -5.28 10.42 -6.30
C GLY A 35 -5.94 11.80 -6.28
N LEU A 36 -6.13 12.33 -5.08
CA LEU A 36 -6.76 13.62 -4.89
C LEU A 36 -5.94 14.74 -5.55
N HIS A 37 -4.62 14.60 -5.49
CA HIS A 37 -3.72 15.58 -6.09
C HIS A 37 -3.67 15.40 -7.61
N SER A 38 -3.83 14.16 -8.06
CA SER A 38 -3.82 13.86 -9.48
C SER A 38 -4.98 14.56 -10.17
N TRP A 39 -6.17 14.50 -9.57
CA TRP A 39 -7.33 15.15 -10.17
C TRP A 39 -7.17 16.66 -10.14
N LYS A 40 -6.52 17.16 -9.09
CA LYS A 40 -6.30 18.60 -8.93
C LYS A 40 -5.42 19.14 -10.05
N LYS A 41 -5.78 20.30 -10.59
CA LYS A 41 -5.02 20.92 -11.67
C LYS A 41 -3.85 21.74 -11.14
N LYS A 42 -2.71 21.63 -11.80
CA LYS A 42 -1.52 22.36 -11.38
C LYS A 42 -1.17 23.45 -12.39
N MET A 1 4.24 6.75 7.23
CA MET A 1 5.63 6.63 6.71
C MET A 1 6.30 5.42 7.35
N ALA A 2 5.94 5.15 8.61
CA ALA A 2 6.51 4.04 9.33
C ALA A 2 8.03 4.11 9.30
N GLU A 3 8.62 4.50 10.42
CA GLU A 3 10.07 4.63 10.51
C GLU A 3 10.75 3.26 10.43
N ALA A 4 10.17 2.26 11.09
CA ALA A 4 10.74 0.93 11.08
C ALA A 4 10.71 0.35 9.67
N HIS A 5 11.73 -0.44 9.33
CA HIS A 5 11.79 -1.04 8.01
C HIS A 5 11.04 -2.36 7.99
N GLN A 6 10.75 -2.89 9.17
CA GLN A 6 10.01 -4.13 9.31
C GLN A 6 8.62 -4.01 8.69
N ALA A 7 8.00 -2.83 8.86
CA ALA A 7 6.65 -2.61 8.33
C ALA A 7 6.66 -2.47 6.82
N VAL A 8 5.61 -2.99 6.18
CA VAL A 8 5.48 -2.91 4.74
C VAL A 8 4.16 -2.26 4.37
N ALA A 9 4.21 -1.31 3.44
CA ALA A 9 3.01 -0.63 3.00
C ALA A 9 2.14 -1.58 2.18
N PHE A 10 2.79 -2.38 1.35
CA PHE A 10 2.06 -3.34 0.53
C PHE A 10 2.82 -4.65 0.37
N GLN A 11 2.13 -5.78 0.57
CA GLN A 11 2.78 -7.09 0.45
C GLN A 11 1.98 -8.02 -0.44
N PHE A 12 2.69 -8.67 -1.36
CA PHE A 12 2.06 -9.60 -2.30
C PHE A 12 2.70 -10.98 -2.19
N THR A 13 1.90 -12.00 -1.88
CA THR A 13 2.41 -13.36 -1.74
C THR A 13 1.61 -14.34 -2.59
N VAL A 14 2.35 -15.14 -3.34
CA VAL A 14 1.72 -16.14 -4.22
C VAL A 14 1.69 -17.49 -3.53
N THR A 15 0.50 -18.09 -3.41
CA THR A 15 0.39 -19.39 -2.76
C THR A 15 -0.27 -20.38 -3.71
N PRO A 16 0.03 -21.65 -3.59
CA PRO A 16 -0.59 -22.67 -4.48
C PRO A 16 -2.09 -22.46 -4.56
N ASP A 17 -2.73 -22.05 -3.47
CA ASP A 17 -4.16 -21.81 -3.43
C ASP A 17 -4.53 -20.55 -4.20
N GLY A 18 -3.60 -19.62 -4.38
CA GLY A 18 -3.93 -18.41 -5.11
C GLY A 18 -2.90 -17.31 -4.83
N ILE A 19 -3.39 -16.10 -4.63
CA ILE A 19 -2.52 -14.98 -4.36
C ILE A 19 -3.08 -14.19 -3.17
N ASP A 20 -2.18 -13.53 -2.46
CA ASP A 20 -2.54 -12.75 -1.30
C ASP A 20 -1.98 -11.34 -1.42
N LEU A 21 -2.79 -10.35 -1.07
CA LEU A 21 -2.35 -8.95 -1.14
C LEU A 21 -2.75 -8.24 0.15
N ARG A 22 -1.75 -7.69 0.85
CA ARG A 22 -1.99 -7.01 2.10
C ARG A 22 -1.47 -5.57 2.04
N LEU A 23 -2.27 -4.66 2.58
CA LEU A 23 -1.87 -3.26 2.59
C LEU A 23 -2.24 -2.59 3.91
N SER A 24 -1.30 -1.84 4.46
CA SER A 24 -1.51 -1.16 5.73
C SER A 24 -2.45 0.04 5.53
N HIS A 25 -3.21 0.37 6.58
CA HIS A 25 -4.14 1.49 6.51
C HIS A 25 -3.39 2.76 6.11
N GLU A 26 -2.11 2.81 6.47
CA GLU A 26 -1.27 3.95 6.14
C GLU A 26 -1.07 4.00 4.63
N ALA A 27 -0.97 2.83 4.01
CA ALA A 27 -0.79 2.74 2.57
C ALA A 27 -1.97 3.37 1.86
N LEU A 28 -3.14 3.20 2.45
CA LEU A 28 -4.37 3.74 1.91
C LEU A 28 -4.39 5.27 1.98
N ARG A 29 -3.85 5.80 3.06
CA ARG A 29 -3.81 7.26 3.26
C ARG A 29 -2.97 7.93 2.18
N GLN A 30 -1.82 7.37 1.83
CA GLN A 30 -0.98 7.95 0.80
C GLN A 30 -1.63 7.81 -0.56
N ILE A 31 -2.21 6.64 -0.80
CA ILE A 31 -2.86 6.37 -2.08
C ILE A 31 -4.05 7.28 -2.31
N TYR A 32 -4.92 7.50 -1.34
CA TYR A 32 -6.07 8.36 -1.54
C TYR A 32 -5.65 9.79 -1.84
N LEU A 33 -4.75 10.32 -1.03
CA LEU A 33 -4.27 11.67 -1.23
C LEU A 33 -3.54 11.80 -2.57
N SER A 34 -2.69 10.83 -2.91
CA SER A 34 -1.98 10.85 -4.18
C SER A 34 -2.98 10.88 -5.33
N GLY A 35 -4.09 10.18 -5.14
CA GLY A 35 -5.16 10.13 -6.14
C GLY A 35 -5.88 11.46 -6.23
N LEU A 36 -6.09 12.08 -5.06
CA LEU A 36 -6.78 13.37 -4.98
C LEU A 36 -6.04 14.46 -5.74
N HIS A 37 -4.71 14.38 -5.71
CA HIS A 37 -3.88 15.34 -6.42
C HIS A 37 -3.84 15.00 -7.90
N SER A 38 -3.90 13.71 -8.20
CA SER A 38 -3.88 13.25 -9.59
C SER A 38 -5.11 13.75 -10.33
N TRP A 39 -6.27 13.70 -9.68
CA TRP A 39 -7.49 14.16 -10.33
C TRP A 39 -7.41 15.67 -10.56
N LYS A 40 -6.80 16.36 -9.61
CA LYS A 40 -6.65 17.80 -9.70
C LYS A 40 -5.43 18.17 -10.53
N LYS A 41 -5.55 19.22 -11.34
CA LYS A 41 -4.44 19.65 -12.19
C LYS A 41 -3.60 20.71 -11.49
N LYS A 42 -2.30 20.68 -11.72
CA LYS A 42 -1.41 21.65 -11.10
C LYS A 42 -1.08 22.78 -12.06
N MET A 1 15.40 -7.71 1.77
CA MET A 1 16.03 -6.95 2.88
C MET A 1 15.09 -6.89 4.06
N ALA A 2 15.63 -6.52 5.22
CA ALA A 2 14.85 -6.41 6.44
C ALA A 2 13.79 -5.31 6.30
N GLU A 3 12.59 -5.58 6.83
CA GLU A 3 11.50 -4.62 6.76
C GLU A 3 11.80 -3.36 7.56
N ALA A 4 12.61 -3.49 8.60
CA ALA A 4 12.96 -2.35 9.43
C ALA A 4 13.72 -1.32 8.60
N HIS A 5 14.56 -1.80 7.68
CA HIS A 5 15.35 -0.92 6.84
C HIS A 5 14.47 -0.14 5.86
N GLN A 6 13.53 -0.84 5.23
CA GLN A 6 12.63 -0.23 4.27
C GLN A 6 11.18 -0.45 4.68
N ALA A 7 10.41 0.63 4.74
CA ALA A 7 9.01 0.54 5.10
C ALA A 7 8.22 -0.13 3.99
N VAL A 8 7.16 -0.85 4.36
CA VAL A 8 6.33 -1.56 3.38
C VAL A 8 4.85 -1.22 3.56
N ALA A 9 4.17 -0.93 2.45
CA ALA A 9 2.76 -0.58 2.50
C ALA A 9 1.92 -1.62 1.74
N PHE A 10 2.61 -2.41 0.92
CA PHE A 10 1.91 -3.43 0.13
C PHE A 10 2.72 -4.74 0.04
N GLN A 11 2.07 -5.87 0.32
CA GLN A 11 2.73 -7.16 0.25
C GLN A 11 1.93 -8.12 -0.63
N PHE A 12 2.64 -8.81 -1.52
CA PHE A 12 1.98 -9.75 -2.43
C PHE A 12 2.65 -11.11 -2.34
N THR A 13 1.88 -12.13 -1.99
CA THR A 13 2.43 -13.47 -1.85
C THR A 13 1.62 -14.51 -2.65
N VAL A 14 2.36 -15.32 -3.40
CA VAL A 14 1.74 -16.36 -4.19
C VAL A 14 1.81 -17.68 -3.43
N THR A 15 0.65 -18.32 -3.22
CA THR A 15 0.64 -19.59 -2.49
C THR A 15 0.00 -20.67 -3.34
N PRO A 16 0.27 -21.93 -3.07
CA PRO A 16 -0.34 -23.03 -3.85
C PRO A 16 -1.84 -22.84 -3.96
N ASP A 17 -2.49 -22.38 -2.90
CA ASP A 17 -3.93 -22.19 -2.94
C ASP A 17 -4.34 -20.94 -3.73
N GLY A 18 -3.43 -20.00 -3.99
CA GLY A 18 -3.82 -18.81 -4.76
C GLY A 18 -2.84 -17.67 -4.56
N ILE A 19 -3.36 -16.46 -4.42
CA ILE A 19 -2.52 -15.29 -4.19
C ILE A 19 -3.09 -14.47 -3.06
N ASP A 20 -2.19 -13.79 -2.36
CA ASP A 20 -2.57 -12.95 -1.23
C ASP A 20 -2.00 -11.56 -1.39
N LEU A 21 -2.79 -10.56 -1.06
CA LEU A 21 -2.35 -9.18 -1.15
C LEU A 21 -2.75 -8.43 0.12
N ARG A 22 -1.75 -7.90 0.81
CA ARG A 22 -1.98 -7.18 2.06
C ARG A 22 -1.50 -5.74 1.96
N LEU A 23 -2.31 -4.83 2.50
CA LEU A 23 -1.93 -3.44 2.47
C LEU A 23 -2.31 -2.73 3.76
N SER A 24 -1.40 -1.90 4.26
CA SER A 24 -1.65 -1.18 5.51
C SER A 24 -2.59 0.00 5.29
N HIS A 25 -3.36 0.30 6.33
CA HIS A 25 -4.29 1.42 6.27
C HIS A 25 -3.52 2.67 5.88
N GLU A 26 -2.22 2.67 6.20
CA GLU A 26 -1.35 3.80 5.86
C GLU A 26 -1.18 3.87 4.35
N ALA A 27 -1.08 2.71 3.70
CA ALA A 27 -0.92 2.65 2.25
C ALA A 27 -2.12 3.31 1.56
N LEU A 28 -3.30 3.15 2.18
CA LEU A 28 -4.54 3.71 1.66
C LEU A 28 -4.54 5.23 1.76
N ARG A 29 -4.02 5.73 2.87
CA ARG A 29 -3.98 7.16 3.11
C ARG A 29 -3.11 7.87 2.09
N GLN A 30 -1.97 7.28 1.72
CA GLN A 30 -1.10 7.90 0.74
C GLN A 30 -1.75 7.84 -0.63
N ILE A 31 -2.35 6.70 -0.94
CA ILE A 31 -2.98 6.51 -2.23
C ILE A 31 -4.13 7.49 -2.45
N TYR A 32 -5.04 7.67 -1.49
CA TYR A 32 -6.15 8.59 -1.68
C TYR A 32 -5.66 10.01 -1.91
N LEU A 33 -4.74 10.46 -1.06
CA LEU A 33 -4.18 11.80 -1.19
C LEU A 33 -3.44 11.97 -2.50
N SER A 34 -2.64 11.00 -2.89
CA SER A 34 -1.91 11.09 -4.15
C SER A 34 -2.89 11.18 -5.31
N GLY A 35 -4.01 10.49 -5.17
CA GLY A 35 -5.06 10.51 -6.17
C GLY A 35 -5.76 11.85 -6.16
N LEU A 36 -5.96 12.37 -4.95
CA LEU A 36 -6.62 13.64 -4.75
C LEU A 36 -5.86 14.75 -5.46
N HIS A 37 -4.54 14.69 -5.41
CA HIS A 37 -3.71 15.69 -6.07
C HIS A 37 -3.70 15.46 -7.59
N SER A 38 -3.84 14.20 -7.99
CA SER A 38 -3.87 13.87 -9.41
C SER A 38 -5.09 14.47 -10.08
N TRP A 39 -6.26 14.38 -9.44
CA TRP A 39 -7.46 14.95 -10.02
C TRP A 39 -7.36 16.47 -10.06
N LYS A 40 -6.72 17.04 -9.05
CA LYS A 40 -6.55 18.48 -8.98
C LYS A 40 -5.50 18.94 -9.98
N LYS A 41 -5.71 20.11 -10.56
CA LYS A 41 -4.78 20.67 -11.53
C LYS A 41 -3.84 21.65 -10.86
N LYS A 42 -2.59 21.70 -11.31
CA LYS A 42 -1.62 22.64 -10.73
C LYS A 42 -1.50 23.87 -11.61
N MET A 1 15.81 -3.41 9.08
CA MET A 1 17.18 -3.98 9.05
C MET A 1 17.73 -3.91 7.63
N ALA A 2 17.74 -5.05 6.94
CA ALA A 2 18.25 -5.09 5.58
C ALA A 2 17.39 -4.23 4.66
N GLU A 3 16.08 -4.26 4.88
CA GLU A 3 15.15 -3.48 4.07
C GLU A 3 15.28 -1.99 4.41
N ALA A 4 15.09 -1.15 3.40
CA ALA A 4 15.19 0.29 3.61
C ALA A 4 14.12 0.76 4.59
N HIS A 5 12.91 0.21 4.45
CA HIS A 5 11.81 0.57 5.32
C HIS A 5 11.33 -0.65 6.11
N GLN A 6 11.19 -0.49 7.42
CA GLN A 6 10.73 -1.59 8.27
C GLN A 6 9.30 -1.97 7.93
N ALA A 7 8.48 -0.97 7.62
CA ALA A 7 7.08 -1.22 7.27
C ALA A 7 6.90 -1.26 5.76
N VAL A 8 5.91 -2.03 5.31
CA VAL A 8 5.64 -2.15 3.88
C VAL A 8 4.20 -1.73 3.58
N ALA A 9 4.03 -0.92 2.54
CA ALA A 9 2.70 -0.46 2.16
C ALA A 9 1.89 -1.60 1.56
N PHE A 10 2.55 -2.43 0.75
CA PHE A 10 1.85 -3.55 0.12
C PHE A 10 2.69 -4.83 0.06
N GLN A 11 2.06 -5.96 0.34
CA GLN A 11 2.74 -7.25 0.31
C GLN A 11 1.94 -8.24 -0.55
N PHE A 12 2.66 -8.91 -1.46
CA PHE A 12 2.01 -9.88 -2.34
C PHE A 12 2.70 -11.23 -2.24
N THR A 13 1.93 -12.27 -1.88
CA THR A 13 2.49 -13.61 -1.76
C THR A 13 1.70 -14.65 -2.52
N VAL A 14 2.43 -15.47 -3.27
CA VAL A 14 1.80 -16.53 -4.06
C VAL A 14 1.87 -17.85 -3.31
N THR A 15 0.72 -18.49 -3.10
CA THR A 15 0.69 -19.77 -2.40
C THR A 15 0.04 -20.83 -3.29
N PRO A 16 0.34 -22.08 -3.09
CA PRO A 16 -0.27 -23.16 -3.90
C PRO A 16 -1.79 -22.99 -3.96
N ASP A 17 -2.42 -22.53 -2.88
CA ASP A 17 -3.85 -22.35 -2.86
C ASP A 17 -4.28 -21.10 -3.63
N GLY A 18 -3.38 -20.15 -3.88
CA GLY A 18 -3.78 -18.95 -4.62
C GLY A 18 -2.79 -17.81 -4.43
N ILE A 19 -3.32 -16.61 -4.26
CA ILE A 19 -2.47 -15.44 -4.05
C ILE A 19 -3.01 -14.64 -2.88
N ASP A 20 -2.10 -13.97 -2.18
CA ASP A 20 -2.44 -13.13 -1.04
C ASP A 20 -1.98 -11.71 -1.30
N LEU A 21 -2.84 -10.75 -1.01
CA LEU A 21 -2.47 -9.34 -1.21
C LEU A 21 -2.82 -8.59 0.07
N ARG A 22 -1.82 -7.97 0.69
CA ARG A 22 -2.03 -7.22 1.93
C ARG A 22 -1.57 -5.78 1.80
N LEU A 23 -2.36 -4.88 2.34
CA LEU A 23 -2.01 -3.46 2.29
C LEU A 23 -2.34 -2.78 3.61
N SER A 24 -1.41 -1.97 4.09
CA SER A 24 -1.60 -1.25 5.35
C SER A 24 -2.54 -0.07 5.17
N HIS A 25 -3.24 0.27 6.24
CA HIS A 25 -4.18 1.40 6.22
C HIS A 25 -3.42 2.67 5.83
N GLU A 26 -2.13 2.68 6.14
CA GLU A 26 -1.28 3.82 5.80
C GLU A 26 -1.10 3.90 4.29
N ALA A 27 -1.06 2.72 3.65
CA ALA A 27 -0.87 2.66 2.19
C ALA A 27 -2.09 3.32 1.53
N LEU A 28 -3.23 3.15 2.19
CA LEU A 28 -4.47 3.70 1.67
C LEU A 28 -4.45 5.22 1.75
N ARG A 29 -3.92 5.72 2.85
CA ARG A 29 -3.86 7.17 3.08
C ARG A 29 -3.04 7.86 1.98
N GLN A 30 -1.89 7.30 1.60
CA GLN A 30 -1.06 7.90 0.55
C GLN A 30 -1.78 7.81 -0.79
N ILE A 31 -2.41 6.67 -1.03
CA ILE A 31 -3.08 6.47 -2.33
C ILE A 31 -4.25 7.43 -2.53
N TYR A 32 -5.14 7.61 -1.54
CA TYR A 32 -6.26 8.50 -1.72
C TYR A 32 -5.79 9.93 -1.93
N LEU A 33 -4.88 10.37 -1.06
CA LEU A 33 -4.35 11.73 -1.17
C LEU A 33 -3.61 11.94 -2.48
N SER A 34 -2.82 10.97 -2.92
CA SER A 34 -2.09 11.10 -4.18
C SER A 34 -3.07 11.29 -5.33
N GLY A 35 -4.22 10.64 -5.23
CA GLY A 35 -5.25 10.75 -6.24
C GLY A 35 -5.91 12.12 -6.16
N LEU A 36 -6.08 12.59 -4.94
CA LEU A 36 -6.71 13.89 -4.70
C LEU A 36 -5.91 15.01 -5.35
N HIS A 37 -4.58 14.88 -5.32
CA HIS A 37 -3.71 15.87 -5.94
C HIS A 37 -3.72 15.71 -7.46
N SER A 38 -3.97 14.48 -7.90
CA SER A 38 -4.04 14.18 -9.33
C SER A 38 -5.21 14.92 -9.97
N TRP A 39 -6.01 15.59 -9.15
CA TRP A 39 -7.16 16.32 -9.66
C TRP A 39 -6.71 17.52 -10.49
N LYS A 40 -5.63 18.15 -10.06
CA LYS A 40 -5.10 19.31 -10.78
C LYS A 40 -6.18 20.40 -10.91
N LYS A 41 -6.12 21.39 -10.03
CA LYS A 41 -7.09 22.48 -10.07
C LYS A 41 -6.76 23.45 -11.19
N LYS A 42 -7.79 23.97 -11.85
CA LYS A 42 -7.60 24.92 -12.93
C LYS A 42 -7.00 26.24 -12.41
N MET A 1 17.99 -5.15 19.85
CA MET A 1 17.79 -4.46 18.55
C MET A 1 18.68 -5.10 17.50
N ALA A 2 19.22 -6.28 17.83
CA ALA A 2 20.11 -6.99 16.91
C ALA A 2 19.39 -7.32 15.61
N GLU A 3 18.12 -7.74 15.71
CA GLU A 3 17.35 -8.08 14.53
C GLU A 3 16.93 -6.83 13.77
N ALA A 4 17.11 -6.86 12.45
CA ALA A 4 16.74 -5.73 11.61
C ALA A 4 15.22 -5.57 11.56
N HIS A 5 14.75 -4.32 11.48
CA HIS A 5 13.31 -4.06 11.44
C HIS A 5 12.97 -3.08 10.31
N GLN A 6 12.00 -3.46 9.48
CA GLN A 6 11.58 -2.60 8.38
C GLN A 6 10.05 -2.55 8.30
N ALA A 7 9.54 -1.45 7.78
CA ALA A 7 8.10 -1.27 7.64
C ALA A 7 7.67 -1.44 6.20
N VAL A 8 6.63 -2.23 5.97
CA VAL A 8 6.12 -2.48 4.63
C VAL A 8 4.67 -1.99 4.52
N ALA A 9 4.40 -1.20 3.48
CA ALA A 9 3.05 -0.68 3.28
C ALA A 9 2.20 -1.64 2.44
N PHE A 10 2.86 -2.42 1.59
CA PHE A 10 2.15 -3.37 0.74
C PHE A 10 2.90 -4.70 0.59
N GLN A 11 2.19 -5.81 0.79
CA GLN A 11 2.82 -7.14 0.68
C GLN A 11 2.01 -8.04 -0.26
N PHE A 12 2.73 -8.67 -1.19
CA PHE A 12 2.08 -9.54 -2.18
C PHE A 12 2.70 -10.94 -2.11
N THR A 13 1.87 -11.96 -1.87
CA THR A 13 2.36 -13.32 -1.76
C THR A 13 1.58 -14.29 -2.64
N VAL A 14 2.32 -15.10 -3.40
CA VAL A 14 1.68 -16.09 -4.27
C VAL A 14 1.64 -17.43 -3.57
N THR A 15 0.44 -18.01 -3.44
CA THR A 15 0.29 -19.29 -2.79
C THR A 15 -0.30 -20.29 -3.78
N PRO A 16 -0.06 -21.56 -3.58
CA PRO A 16 -0.62 -22.58 -4.49
C PRO A 16 -2.13 -22.45 -4.58
N ASP A 17 -2.77 -21.89 -3.56
CA ASP A 17 -4.21 -21.70 -3.58
C ASP A 17 -4.57 -20.42 -4.32
N GLY A 18 -3.63 -19.49 -4.51
CA GLY A 18 -3.94 -18.25 -5.23
C GLY A 18 -2.92 -17.17 -4.95
N ILE A 19 -3.40 -15.94 -4.76
CA ILE A 19 -2.54 -14.82 -4.48
C ILE A 19 -3.11 -14.07 -3.28
N ASP A 20 -2.22 -13.45 -2.51
CA ASP A 20 -2.61 -12.68 -1.34
C ASP A 20 -1.99 -11.30 -1.40
N LEU A 21 -2.75 -10.29 -1.01
CA LEU A 21 -2.23 -8.93 -1.02
C LEU A 21 -2.67 -8.20 0.25
N ARG A 22 -1.68 -7.73 0.99
CA ARG A 22 -1.94 -7.02 2.24
C ARG A 22 -1.44 -5.59 2.17
N LEU A 23 -2.26 -4.68 2.68
CA LEU A 23 -1.89 -3.27 2.66
C LEU A 23 -2.28 -2.59 3.96
N SER A 24 -1.37 -1.80 4.51
CA SER A 24 -1.65 -1.09 5.76
C SER A 24 -2.57 0.09 5.52
N HIS A 25 -3.29 0.49 6.56
CA HIS A 25 -4.19 1.63 6.47
C HIS A 25 -3.41 2.86 6.06
N GLU A 26 -2.13 2.86 6.40
CA GLU A 26 -1.25 3.96 6.05
C GLU A 26 -1.04 4.00 4.55
N ALA A 27 -0.91 2.81 3.95
CA ALA A 27 -0.71 2.71 2.49
C ALA A 27 -1.91 3.30 1.76
N LEU A 28 -3.07 3.16 2.39
CA LEU A 28 -4.32 3.67 1.84
C LEU A 28 -4.35 5.18 1.91
N ARG A 29 -3.83 5.72 3.01
CA ARG A 29 -3.79 7.17 3.22
C ARG A 29 -2.95 7.82 2.14
N GLN A 30 -1.82 7.22 1.78
CA GLN A 30 -0.95 7.79 0.75
C GLN A 30 -1.61 7.70 -0.61
N ILE A 31 -2.23 6.55 -0.87
CA ILE A 31 -2.87 6.33 -2.15
C ILE A 31 -4.03 7.29 -2.39
N TYR A 32 -4.93 7.50 -1.41
CA TYR A 32 -6.04 8.41 -1.62
C TYR A 32 -5.54 9.83 -1.88
N LEU A 33 -4.62 10.29 -1.04
CA LEU A 33 -4.08 11.64 -1.22
C LEU A 33 -3.37 11.75 -2.57
N SER A 34 -2.57 10.77 -2.95
CA SER A 34 -1.88 10.79 -4.23
C SER A 34 -2.90 10.83 -5.37
N GLY A 35 -4.01 10.12 -5.16
CA GLY A 35 -5.08 10.07 -6.15
C GLY A 35 -5.83 11.40 -6.21
N LEU A 36 -6.03 12.00 -5.04
CA LEU A 36 -6.75 13.26 -4.92
C LEU A 36 -6.07 14.35 -5.74
N HIS A 37 -4.74 14.34 -5.73
CA HIS A 37 -3.96 15.31 -6.48
C HIS A 37 -3.96 14.94 -7.96
N SER A 38 -4.01 13.65 -8.24
CA SER A 38 -4.03 13.16 -9.61
C SER A 38 -5.28 13.65 -10.32
N TRP A 39 -6.44 13.57 -9.67
CA TRP A 39 -7.66 14.05 -10.30
C TRP A 39 -7.61 15.57 -10.46
N LYS A 40 -7.00 16.22 -9.48
CA LYS A 40 -6.87 17.69 -9.50
C LYS A 40 -8.23 18.37 -9.50
N LYS A 41 -8.31 19.50 -8.79
CA LYS A 41 -9.54 20.25 -8.70
C LYS A 41 -9.73 21.09 -9.96
N LYS A 42 -10.97 21.20 -10.42
CA LYS A 42 -11.26 21.98 -11.62
C LYS A 42 -10.61 21.35 -12.84
N MET A 1 7.16 11.23 9.23
CA MET A 1 8.51 11.43 8.62
C MET A 1 9.54 10.66 9.44
N ALA A 2 9.09 9.57 10.06
CA ALA A 2 9.97 8.75 10.88
C ALA A 2 9.53 7.29 10.82
N GLU A 3 10.50 6.37 10.99
CA GLU A 3 10.19 4.95 10.95
C GLU A 3 11.13 4.17 11.86
N ALA A 4 10.65 3.80 13.04
CA ALA A 4 11.45 3.06 14.01
C ALA A 4 11.66 1.61 13.59
N HIS A 5 10.59 0.97 13.13
CA HIS A 5 10.67 -0.44 12.71
C HIS A 5 10.36 -0.62 11.24
N GLN A 6 10.79 -1.74 10.66
CA GLN A 6 10.55 -2.01 9.25
C GLN A 6 9.08 -2.29 8.97
N ALA A 7 8.55 -1.65 7.93
CA ALA A 7 7.15 -1.83 7.55
C ALA A 7 7.00 -1.78 6.03
N VAL A 8 5.94 -2.40 5.54
CA VAL A 8 5.67 -2.43 4.10
C VAL A 8 4.27 -1.92 3.81
N ALA A 9 4.14 -1.04 2.81
CA ALA A 9 2.85 -0.49 2.44
C ALA A 9 1.99 -1.57 1.77
N PHE A 10 2.64 -2.39 0.96
CA PHE A 10 1.92 -3.45 0.26
C PHE A 10 2.72 -4.74 0.14
N GLN A 11 2.07 -5.88 0.37
CA GLN A 11 2.75 -7.18 0.27
C GLN A 11 1.94 -8.14 -0.58
N PHE A 12 2.66 -8.83 -1.46
CA PHE A 12 2.02 -9.78 -2.36
C PHE A 12 2.69 -11.15 -2.25
N THR A 13 1.93 -12.17 -1.90
CA THR A 13 2.50 -13.52 -1.75
C THR A 13 1.68 -14.56 -2.53
N VAL A 14 2.41 -15.38 -3.28
CA VAL A 14 1.77 -16.41 -4.09
C VAL A 14 1.80 -17.75 -3.36
N THR A 15 0.62 -18.38 -3.21
CA THR A 15 0.53 -19.65 -2.52
C THR A 15 -0.08 -20.70 -3.45
N PRO A 16 0.22 -21.97 -3.29
CA PRO A 16 -0.37 -23.02 -4.15
C PRO A 16 -1.87 -22.87 -4.23
N ASP A 17 -2.53 -22.34 -3.21
CA ASP A 17 -3.96 -22.17 -3.23
C ASP A 17 -4.39 -20.90 -3.96
N GLY A 18 -3.47 -19.95 -4.17
CA GLY A 18 -3.86 -18.73 -4.88
C GLY A 18 -2.86 -17.60 -4.66
N ILE A 19 -3.36 -16.39 -4.47
CA ILE A 19 -2.53 -15.23 -4.25
C ILE A 19 -3.08 -14.43 -3.07
N ASP A 20 -2.19 -13.73 -2.38
CA ASP A 20 -2.56 -12.93 -1.23
C ASP A 20 -2.01 -11.52 -1.36
N LEU A 21 -2.82 -10.53 -1.00
CA LEU A 21 -2.38 -9.15 -1.07
C LEU A 21 -2.74 -8.45 0.22
N ARG A 22 -1.73 -7.91 0.90
CA ARG A 22 -1.92 -7.21 2.16
C ARG A 22 -1.46 -5.76 2.04
N LEU A 23 -2.28 -4.87 2.57
CA LEU A 23 -1.94 -3.45 2.52
C LEU A 23 -2.29 -2.77 3.84
N SER A 24 -1.37 -1.94 4.33
CA SER A 24 -1.57 -1.22 5.58
C SER A 24 -2.53 -0.05 5.39
N HIS A 25 -3.24 0.30 6.47
CA HIS A 25 -4.17 1.42 6.43
C HIS A 25 -3.43 2.68 6.02
N GLU A 26 -2.13 2.69 6.33
CA GLU A 26 -1.27 3.81 6.00
C GLU A 26 -1.09 3.90 4.48
N ALA A 27 -0.98 2.74 3.85
CA ALA A 27 -0.81 2.66 2.40
C ALA A 27 -2.02 3.30 1.70
N LEU A 28 -3.18 3.14 2.32
CA LEU A 28 -4.42 3.70 1.79
C LEU A 28 -4.41 5.22 1.86
N ARG A 29 -3.90 5.74 2.97
CA ARG A 29 -3.86 7.18 3.18
C ARG A 29 -3.02 7.86 2.11
N GLN A 30 -1.89 7.28 1.73
CA GLN A 30 -1.04 7.88 0.71
C GLN A 30 -1.74 7.81 -0.64
N ILE A 31 -2.35 6.68 -0.90
CA ILE A 31 -3.03 6.47 -2.17
C ILE A 31 -4.19 7.42 -2.37
N TYR A 32 -5.06 7.64 -1.39
CA TYR A 32 -6.18 8.54 -1.56
C TYR A 32 -5.72 9.96 -1.82
N LEU A 33 -4.80 10.45 -0.99
CA LEU A 33 -4.30 11.81 -1.16
C LEU A 33 -3.56 11.96 -2.49
N SER A 34 -2.73 11.00 -2.89
CA SER A 34 -2.02 11.11 -4.16
C SER A 34 -3.01 11.20 -5.32
N GLY A 35 -4.12 10.50 -5.17
CA GLY A 35 -5.16 10.50 -6.18
C GLY A 35 -5.86 11.84 -6.21
N LEU A 36 -6.04 12.41 -5.03
CA LEU A 36 -6.71 13.70 -4.87
C LEU A 36 -5.95 14.79 -5.61
N HIS A 37 -4.62 14.71 -5.59
CA HIS A 37 -3.79 15.69 -6.29
C HIS A 37 -3.81 15.42 -7.78
N SER A 38 -4.05 14.15 -8.13
CA SER A 38 -4.11 13.74 -9.53
C SER A 38 -5.31 14.42 -10.20
N TRP A 39 -6.12 15.12 -9.41
CA TRP A 39 -7.28 15.80 -9.95
C TRP A 39 -6.87 16.97 -10.83
N LYS A 40 -5.78 17.63 -10.44
CA LYS A 40 -5.26 18.75 -11.20
C LYS A 40 -4.58 18.26 -12.47
N LYS A 41 -4.92 18.88 -13.60
CA LYS A 41 -4.35 18.48 -14.88
C LYS A 41 -2.89 18.95 -14.99
N LYS A 42 -2.03 18.09 -15.53
CA LYS A 42 -0.62 18.41 -15.69
C LYS A 42 0.03 18.69 -14.33
N MET A 1 16.49 -11.32 4.81
CA MET A 1 16.53 -10.74 6.18
C MET A 1 16.77 -9.23 6.08
N ALA A 2 17.39 -8.80 4.98
CA ALA A 2 17.67 -7.39 4.79
C ALA A 2 16.40 -6.57 4.57
N GLU A 3 15.47 -7.12 3.81
CA GLU A 3 14.23 -6.41 3.54
C GLU A 3 13.45 -6.16 4.83
N ALA A 4 13.73 -6.96 5.84
CA ALA A 4 13.03 -6.82 7.11
C ALA A 4 13.27 -5.41 7.69
N HIS A 5 14.47 -4.88 7.48
CA HIS A 5 14.80 -3.55 7.99
C HIS A 5 14.01 -2.48 7.24
N GLN A 6 13.83 -2.69 5.94
CA GLN A 6 13.10 -1.73 5.10
C GLN A 6 11.62 -1.71 5.47
N ALA A 7 11.02 -0.52 5.45
CA ALA A 7 9.60 -0.39 5.78
C ALA A 7 8.75 -1.07 4.71
N VAL A 8 7.70 -1.77 5.14
CA VAL A 8 6.83 -2.47 4.20
C VAL A 8 5.38 -2.05 4.40
N ALA A 9 4.73 -1.62 3.32
CA ALA A 9 3.34 -1.19 3.39
C ALA A 9 2.47 -2.04 2.48
N PHE A 10 3.11 -2.72 1.53
CA PHE A 10 2.38 -3.56 0.59
C PHE A 10 3.06 -4.91 0.39
N GLN A 11 2.31 -6.00 0.52
CA GLN A 11 2.87 -7.34 0.36
C GLN A 11 2.01 -8.23 -0.53
N PHE A 12 2.69 -8.89 -1.46
CA PHE A 12 2.01 -9.78 -2.39
C PHE A 12 2.66 -11.16 -2.33
N THR A 13 1.91 -12.19 -1.98
CA THR A 13 2.47 -13.54 -1.88
C THR A 13 1.64 -14.57 -2.65
N VAL A 14 2.36 -15.38 -3.42
CA VAL A 14 1.73 -16.43 -4.21
C VAL A 14 1.81 -17.77 -3.48
N THR A 15 0.65 -18.42 -3.28
CA THR A 15 0.64 -19.71 -2.59
C THR A 15 -0.07 -20.74 -3.46
N PRO A 16 0.23 -22.01 -3.32
CA PRO A 16 -0.45 -23.06 -4.12
C PRO A 16 -1.95 -22.85 -4.13
N ASP A 17 -2.53 -22.41 -3.01
CA ASP A 17 -3.96 -22.18 -2.92
C ASP A 17 -4.38 -20.95 -3.72
N GLY A 18 -3.47 -20.01 -3.97
CA GLY A 18 -3.85 -18.83 -4.74
C GLY A 18 -2.85 -17.70 -4.52
N ILE A 19 -3.35 -16.49 -4.34
CA ILE A 19 -2.50 -15.34 -4.11
C ILE A 19 -3.04 -14.55 -2.92
N ASP A 20 -2.13 -13.86 -2.24
CA ASP A 20 -2.49 -13.04 -1.09
C ASP A 20 -1.99 -11.62 -1.29
N LEU A 21 -2.80 -10.63 -0.93
CA LEU A 21 -2.41 -9.23 -1.07
C LEU A 21 -2.75 -8.48 0.20
N ARG A 22 -1.73 -7.91 0.83
CA ARG A 22 -1.93 -7.15 2.06
C ARG A 22 -1.51 -5.70 1.88
N LEU A 23 -2.35 -4.80 2.38
CA LEU A 23 -2.04 -3.38 2.27
C LEU A 23 -2.33 -2.70 3.61
N SER A 24 -1.39 -1.89 4.05
CA SER A 24 -1.55 -1.19 5.31
C SER A 24 -2.52 -0.02 5.16
N HIS A 25 -3.21 0.31 6.24
CA HIS A 25 -4.16 1.41 6.24
C HIS A 25 -3.43 2.68 5.81
N GLU A 26 -2.13 2.69 6.09
CA GLU A 26 -1.29 3.82 5.74
C GLU A 26 -1.15 3.89 4.22
N ALA A 27 -1.05 2.73 3.59
CA ALA A 27 -0.90 2.66 2.14
C ALA A 27 -2.13 3.28 1.47
N LEU A 28 -3.26 3.15 2.16
CA LEU A 28 -4.53 3.70 1.67
C LEU A 28 -4.54 5.22 1.78
N ARG A 29 -3.99 5.73 2.87
CA ARG A 29 -3.95 7.17 3.10
C ARG A 29 -3.13 7.86 2.03
N GLN A 30 -2.00 7.28 1.62
CA GLN A 30 -1.16 7.87 0.58
C GLN A 30 -1.87 7.83 -0.76
N ILE A 31 -2.49 6.70 -1.06
CA ILE A 31 -3.18 6.53 -2.34
C ILE A 31 -4.34 7.50 -2.50
N TYR A 32 -5.19 7.70 -1.51
CA TYR A 32 -6.30 8.62 -1.65
C TYR A 32 -5.80 10.04 -1.89
N LEU A 33 -4.85 10.47 -1.06
CA LEU A 33 -4.30 11.81 -1.20
C LEU A 33 -3.60 11.97 -2.55
N SER A 34 -2.83 10.97 -2.97
CA SER A 34 -2.12 11.03 -4.25
C SER A 34 -3.10 11.25 -5.39
N GLY A 35 -4.24 10.58 -5.31
CA GLY A 35 -5.26 10.71 -6.33
C GLY A 35 -5.91 12.07 -6.24
N LEU A 36 -6.07 12.56 -5.01
CA LEU A 36 -6.69 13.84 -4.78
C LEU A 36 -5.93 14.96 -5.48
N HIS A 37 -4.60 14.88 -5.45
CA HIS A 37 -3.77 15.89 -6.12
C HIS A 37 -3.81 15.66 -7.62
N SER A 38 -3.98 14.40 -8.00
CA SER A 38 -4.04 14.01 -9.41
C SER A 38 -5.26 14.65 -10.07
N TRP A 39 -6.10 15.32 -9.29
CA TRP A 39 -7.29 15.96 -9.82
C TRP A 39 -6.92 17.14 -10.71
N LYS A 40 -5.87 17.85 -10.32
CA LYS A 40 -5.43 19.02 -11.07
C LYS A 40 -4.86 18.60 -12.43
N LYS A 41 -5.29 19.28 -13.48
CA LYS A 41 -4.81 18.99 -14.83
C LYS A 41 -3.52 19.77 -15.12
N LYS A 42 -2.63 19.15 -15.89
CA LYS A 42 -1.35 19.79 -16.22
C LYS A 42 -1.21 20.02 -17.73
N MET A 1 9.54 -7.18 10.94
CA MET A 1 9.35 -8.40 11.77
C MET A 1 8.19 -8.18 12.73
N ALA A 2 8.31 -7.16 13.57
CA ALA A 2 7.25 -6.85 14.53
C ALA A 2 5.98 -6.41 13.83
N GLU A 3 4.83 -6.86 14.34
CA GLU A 3 3.55 -6.50 13.75
C GLU A 3 3.26 -5.01 13.95
N ALA A 4 3.67 -4.49 15.10
CA ALA A 4 3.44 -3.08 15.41
C ALA A 4 4.17 -2.18 14.42
N HIS A 5 5.37 -2.60 14.01
CA HIS A 5 6.17 -1.83 13.07
C HIS A 5 6.28 -2.55 11.73
N GLN A 6 5.95 -1.85 10.65
CA GLN A 6 6.01 -2.43 9.31
C GLN A 6 6.96 -1.63 8.41
N ALA A 7 7.97 -2.32 7.89
CA ALA A 7 8.95 -1.68 7.02
C ALA A 7 8.38 -1.52 5.60
N VAL A 8 7.23 -2.13 5.36
CA VAL A 8 6.59 -2.07 4.06
C VAL A 8 5.12 -1.69 4.20
N ALA A 9 4.52 -1.21 3.11
CA ALA A 9 3.12 -0.81 3.14
C ALA A 9 2.26 -1.75 2.29
N PHE A 10 2.90 -2.45 1.35
CA PHE A 10 2.17 -3.37 0.48
C PHE A 10 2.92 -4.69 0.34
N GLN A 11 2.23 -5.81 0.55
CA GLN A 11 2.86 -7.13 0.43
C GLN A 11 2.02 -8.06 -0.44
N PHE A 12 2.71 -8.73 -1.36
CA PHE A 12 2.03 -9.65 -2.28
C PHE A 12 2.69 -11.03 -2.22
N THR A 13 1.91 -12.06 -1.90
CA THR A 13 2.46 -13.42 -1.81
C THR A 13 1.64 -14.43 -2.62
N VAL A 14 2.35 -15.22 -3.40
CA VAL A 14 1.71 -16.24 -4.23
C VAL A 14 1.74 -17.59 -3.51
N THR A 15 0.57 -18.21 -3.34
CA THR A 15 0.50 -19.51 -2.67
C THR A 15 -0.17 -20.52 -3.60
N PRO A 16 0.07 -21.80 -3.42
CA PRO A 16 -0.56 -22.83 -4.28
C PRO A 16 -2.06 -22.60 -4.35
N ASP A 17 -2.70 -22.16 -3.27
CA ASP A 17 -4.13 -21.93 -3.27
C ASP A 17 -4.50 -20.65 -4.01
N GLY A 18 -3.57 -19.72 -4.22
CA GLY A 18 -3.92 -18.50 -4.92
C GLY A 18 -2.91 -17.40 -4.67
N ILE A 19 -3.39 -16.19 -4.46
CA ILE A 19 -2.53 -15.06 -4.18
C ILE A 19 -3.07 -14.28 -2.99
N ASP A 20 -2.15 -13.69 -2.25
CA ASP A 20 -2.49 -12.90 -1.07
C ASP A 20 -1.92 -11.49 -1.22
N LEU A 21 -2.70 -10.49 -0.84
CA LEU A 21 -2.24 -9.11 -0.93
C LEU A 21 -2.62 -8.38 0.34
N ARG A 22 -1.61 -7.84 1.02
CA ARG A 22 -1.83 -7.12 2.27
C ARG A 22 -1.36 -5.68 2.16
N LEU A 23 -2.16 -4.79 2.71
CA LEU A 23 -1.81 -3.39 2.65
C LEU A 23 -2.17 -2.70 3.97
N SER A 24 -1.26 -1.88 4.45
CA SER A 24 -1.46 -1.17 5.71
C SER A 24 -2.42 0.00 5.52
N HIS A 25 -3.11 0.38 6.59
CA HIS A 25 -4.05 1.50 6.53
C HIS A 25 -3.33 2.75 6.03
N GLU A 26 -2.02 2.80 6.30
CA GLU A 26 -1.20 3.92 5.88
C GLU A 26 -1.06 3.93 4.36
N ALA A 27 -1.00 2.73 3.77
CA ALA A 27 -0.88 2.58 2.31
C ALA A 27 -2.12 3.14 1.63
N LEU A 28 -3.26 3.02 2.31
CA LEU A 28 -4.53 3.52 1.77
C LEU A 28 -4.55 5.04 1.79
N ARG A 29 -4.01 5.60 2.88
CA ARG A 29 -3.97 7.05 3.04
C ARG A 29 -3.12 7.71 1.96
N GLN A 30 -2.02 7.10 1.55
CA GLN A 30 -1.16 7.68 0.51
C GLN A 30 -1.87 7.59 -0.83
N ILE A 31 -2.48 6.44 -1.08
CA ILE A 31 -3.15 6.21 -2.34
C ILE A 31 -4.32 7.16 -2.56
N TYR A 32 -5.20 7.36 -1.58
CA TYR A 32 -6.32 8.27 -1.75
C TYR A 32 -5.85 9.69 -2.00
N LEU A 33 -4.93 10.15 -1.17
CA LEU A 33 -4.39 11.50 -1.31
C LEU A 33 -3.66 11.67 -2.64
N SER A 34 -2.87 10.68 -3.04
CA SER A 34 -2.14 10.77 -4.31
C SER A 34 -3.12 10.96 -5.47
N GLY A 35 -4.27 10.30 -5.37
CA GLY A 35 -5.30 10.41 -6.40
C GLY A 35 -5.94 11.78 -6.34
N LEU A 36 -6.13 12.27 -5.11
CA LEU A 36 -6.75 13.56 -4.89
C LEU A 36 -5.94 14.67 -5.55
N HIS A 37 -4.62 14.55 -5.52
CA HIS A 37 -3.74 15.53 -6.13
C HIS A 37 -3.74 15.36 -7.65
N SER A 38 -3.99 14.13 -8.10
CA SER A 38 -4.03 13.83 -9.52
C SER A 38 -5.22 14.53 -10.17
N TRP A 39 -6.00 15.24 -9.37
CA TRP A 39 -7.15 15.95 -9.89
C TRP A 39 -6.73 17.17 -10.70
N LYS A 40 -5.67 17.84 -10.26
CA LYS A 40 -5.19 19.02 -10.95
C LYS A 40 -4.06 18.68 -11.91
N LYS A 41 -3.96 19.46 -12.99
CA LYS A 41 -2.93 19.23 -13.99
C LYS A 41 -1.58 19.69 -13.48
N LYS A 42 -0.53 18.94 -13.82
CA LYS A 42 0.83 19.30 -13.39
C LYS A 42 1.41 20.40 -14.26
N MET A 1 2.50 2.29 21.14
CA MET A 1 2.34 3.68 20.61
C MET A 1 3.29 3.90 19.44
N ALA A 2 4.54 3.53 19.63
CA ALA A 2 5.55 3.70 18.58
C ALA A 2 5.40 2.64 17.51
N GLU A 3 5.56 3.06 16.25
CA GLU A 3 5.46 2.14 15.12
C GLU A 3 6.71 1.30 14.98
N ALA A 4 6.57 0.16 14.33
CA ALA A 4 7.72 -0.73 14.12
C ALA A 4 8.71 -0.08 13.16
N HIS A 5 9.98 -0.43 13.33
CA HIS A 5 11.05 0.12 12.49
C HIS A 5 10.90 -0.35 11.05
N GLN A 6 10.58 -1.64 10.88
CA GLN A 6 10.42 -2.21 9.56
C GLN A 6 8.93 -2.42 9.28
N ALA A 7 8.48 -1.85 8.17
CA ALA A 7 7.08 -1.96 7.79
C ALA A 7 6.95 -1.88 6.27
N VAL A 8 5.90 -2.51 5.74
CA VAL A 8 5.68 -2.51 4.30
C VAL A 8 4.28 -2.01 3.97
N ALA A 9 4.18 -1.14 2.97
CA ALA A 9 2.89 -0.59 2.57
C ALA A 9 2.05 -1.69 1.91
N PHE A 10 2.70 -2.50 1.07
CA PHE A 10 1.97 -3.56 0.39
C PHE A 10 2.77 -4.86 0.27
N GLN A 11 2.08 -5.98 0.48
CA GLN A 11 2.72 -7.29 0.38
C GLN A 11 1.90 -8.20 -0.53
N PHE A 12 2.58 -8.83 -1.48
CA PHE A 12 1.88 -9.70 -2.43
C PHE A 12 2.54 -11.11 -2.40
N THR A 13 1.78 -12.17 -2.11
CA THR A 13 2.38 -13.51 -2.02
C THR A 13 1.60 -14.58 -2.77
N VAL A 14 2.33 -15.41 -3.50
CA VAL A 14 1.71 -16.50 -4.26
C VAL A 14 1.82 -17.81 -3.49
N THR A 15 0.68 -18.48 -3.27
CA THR A 15 0.71 -19.76 -2.56
C THR A 15 0.06 -20.83 -3.43
N PRO A 16 0.39 -22.09 -3.22
CA PRO A 16 -0.22 -23.19 -4.02
C PRO A 16 -1.75 -23.05 -4.07
N ASP A 17 -2.38 -22.60 -2.99
CA ASP A 17 -3.84 -22.45 -2.97
C ASP A 17 -4.28 -21.21 -3.72
N GLY A 18 -3.39 -20.26 -3.98
CA GLY A 18 -3.80 -19.07 -4.69
C GLY A 18 -2.81 -17.94 -4.47
N ILE A 19 -3.33 -16.74 -4.26
CA ILE A 19 -2.49 -15.59 -4.03
C ILE A 19 -3.06 -14.75 -2.89
N ASP A 20 -2.17 -14.02 -2.23
CA ASP A 20 -2.54 -13.16 -1.11
C ASP A 20 -1.98 -11.75 -1.30
N LEU A 21 -2.78 -10.74 -0.94
CA LEU A 21 -2.33 -9.36 -1.07
C LEU A 21 -2.76 -8.57 0.17
N ARG A 22 -1.78 -7.95 0.81
CA ARG A 22 -2.04 -7.18 2.02
C ARG A 22 -1.56 -5.74 1.89
N LEU A 23 -2.34 -4.83 2.46
CA LEU A 23 -1.98 -3.42 2.39
C LEU A 23 -2.34 -2.72 3.70
N SER A 24 -1.43 -1.90 4.20
CA SER A 24 -1.66 -1.21 5.45
C SER A 24 -2.60 0.00 5.28
N HIS A 25 -3.28 0.38 6.37
CA HIS A 25 -4.19 1.53 6.36
C HIS A 25 -3.46 2.78 5.93
N GLU A 26 -2.17 2.79 6.23
CA GLU A 26 -1.31 3.90 5.88
C GLU A 26 -1.15 3.96 4.36
N ALA A 27 -1.04 2.79 3.73
CA ALA A 27 -0.89 2.71 2.29
C ALA A 27 -2.09 3.35 1.61
N LEU A 28 -3.25 3.20 2.25
CA LEU A 28 -4.49 3.76 1.73
C LEU A 28 -4.47 5.28 1.83
N ARG A 29 -3.91 5.78 2.92
CA ARG A 29 -3.83 7.22 3.15
C ARG A 29 -2.98 7.91 2.10
N GLN A 30 -1.84 7.34 1.72
CA GLN A 30 -0.99 7.98 0.73
C GLN A 30 -1.65 7.92 -0.63
N ILE A 31 -2.25 6.77 -0.92
CA ILE A 31 -2.91 6.57 -2.20
C ILE A 31 -4.10 7.50 -2.39
N TYR A 32 -4.97 7.69 -1.39
CA TYR A 32 -6.12 8.56 -1.57
C TYR A 32 -5.69 10.00 -1.85
N LEU A 33 -4.77 10.52 -1.05
CA LEU A 33 -4.30 11.88 -1.25
C LEU A 33 -3.58 12.03 -2.59
N SER A 34 -2.74 11.07 -2.96
CA SER A 34 -2.02 11.16 -4.22
C SER A 34 -3.02 11.25 -5.37
N GLY A 35 -4.15 10.56 -5.20
CA GLY A 35 -5.20 10.57 -6.20
C GLY A 35 -5.91 11.92 -6.20
N LEU A 36 -6.10 12.47 -5.01
CA LEU A 36 -6.76 13.75 -4.85
C LEU A 36 -5.98 14.86 -5.56
N HIS A 37 -4.66 14.77 -5.53
CA HIS A 37 -3.82 15.76 -6.19
C HIS A 37 -3.84 15.57 -7.71
N SER A 38 -4.12 14.35 -8.13
CA SER A 38 -4.20 14.05 -9.55
C SER A 38 -5.35 14.82 -10.19
N TRP A 39 -6.10 15.56 -9.39
CA TRP A 39 -7.22 16.34 -9.91
C TRP A 39 -6.73 17.61 -10.59
N LYS A 40 -5.56 18.07 -10.16
CA LYS A 40 -4.98 19.29 -10.73
C LYS A 40 -4.50 19.03 -12.16
N LYS A 41 -4.91 19.88 -13.09
CA LYS A 41 -4.48 19.72 -14.47
C LYS A 41 -3.07 20.25 -14.68
N LYS A 42 -2.21 19.44 -15.32
CA LYS A 42 -0.84 19.85 -15.58
C LYS A 42 -0.79 20.90 -16.70
N MET A 1 3.88 10.58 16.67
CA MET A 1 2.85 9.83 15.90
C MET A 1 3.17 8.34 15.94
N ALA A 2 4.31 8.00 16.54
CA ALA A 2 4.73 6.61 16.64
C ALA A 2 4.83 5.96 15.27
N GLU A 3 6.01 6.04 14.67
CA GLU A 3 6.23 5.47 13.36
C GLU A 3 7.13 4.23 13.47
N ALA A 4 6.64 3.11 12.94
CA ALA A 4 7.40 1.88 12.99
C ALA A 4 8.67 1.99 12.15
N HIS A 5 9.73 1.33 12.60
CA HIS A 5 11.00 1.38 11.87
C HIS A 5 10.87 0.68 10.53
N GLN A 6 10.15 -0.44 10.52
CA GLN A 6 9.94 -1.20 9.29
C GLN A 6 8.46 -1.20 8.94
N ALA A 7 8.13 -0.82 7.72
CA ALA A 7 6.74 -0.77 7.29
C ALA A 7 6.62 -1.02 5.79
N VAL A 8 5.57 -1.74 5.39
CA VAL A 8 5.35 -2.03 3.97
C VAL A 8 3.94 -1.63 3.55
N ALA A 9 3.84 -0.87 2.45
CA ALA A 9 2.55 -0.42 1.95
C ALA A 9 1.74 -1.57 1.35
N PHE A 10 2.39 -2.40 0.55
CA PHE A 10 1.66 -3.52 -0.06
C PHE A 10 2.50 -4.80 -0.18
N GLN A 11 1.84 -5.95 -0.01
CA GLN A 11 2.54 -7.23 -0.10
C GLN A 11 1.72 -8.24 -0.89
N PHE A 12 2.42 -8.93 -1.79
CA PHE A 12 1.77 -9.93 -2.63
C PHE A 12 2.51 -11.25 -2.51
N THR A 13 1.82 -12.30 -2.08
CA THR A 13 2.46 -13.61 -1.92
C THR A 13 1.67 -14.73 -2.61
N VAL A 14 2.41 -15.54 -3.36
CA VAL A 14 1.79 -16.65 -4.07
C VAL A 14 1.96 -17.95 -3.27
N THR A 15 0.85 -18.62 -2.97
CA THR A 15 0.93 -19.87 -2.21
C THR A 15 0.29 -20.98 -3.03
N PRO A 16 0.66 -22.22 -2.81
CA PRO A 16 0.06 -23.35 -3.56
C PRO A 16 -1.45 -23.24 -3.55
N ASP A 17 -2.05 -22.78 -2.45
CA ASP A 17 -3.49 -22.65 -2.35
C ASP A 17 -4.01 -21.47 -3.15
N GLY A 18 -3.17 -20.49 -3.50
CA GLY A 18 -3.65 -19.36 -4.27
C GLY A 18 -2.71 -18.17 -4.18
N ILE A 19 -3.28 -16.98 -4.04
CA ILE A 19 -2.52 -15.76 -3.92
C ILE A 19 -3.05 -14.93 -2.75
N ASP A 20 -2.15 -14.17 -2.14
CA ASP A 20 -2.51 -13.31 -1.02
C ASP A 20 -2.07 -11.89 -1.31
N LEU A 21 -2.93 -10.92 -0.99
CA LEU A 21 -2.61 -9.52 -1.21
C LEU A 21 -2.93 -8.72 0.05
N ARG A 22 -1.92 -8.05 0.59
CA ARG A 22 -2.09 -7.26 1.80
C ARG A 22 -1.67 -5.81 1.60
N LEU A 23 -2.47 -4.92 2.17
CA LEU A 23 -2.18 -3.49 2.06
C LEU A 23 -2.46 -2.81 3.38
N SER A 24 -1.51 -2.02 3.84
CA SER A 24 -1.64 -1.31 5.11
C SER A 24 -2.60 -0.13 4.97
N HIS A 25 -3.33 0.13 6.04
CA HIS A 25 -4.27 1.25 6.06
C HIS A 25 -3.53 2.52 5.67
N GLU A 26 -2.24 2.52 5.95
CA GLU A 26 -1.39 3.66 5.62
C GLU A 26 -1.23 3.77 4.11
N ALA A 27 -1.12 2.61 3.46
CA ALA A 27 -0.97 2.55 2.01
C ALA A 27 -2.16 3.22 1.35
N LEU A 28 -3.31 3.09 2.00
CA LEU A 28 -4.56 3.66 1.53
C LEU A 28 -4.53 5.18 1.68
N ARG A 29 -3.98 5.63 2.78
CA ARG A 29 -3.89 7.07 3.06
C ARG A 29 -3.05 7.78 2.02
N GLN A 30 -1.94 7.19 1.59
CA GLN A 30 -1.09 7.83 0.60
C GLN A 30 -1.77 7.84 -0.76
N ILE A 31 -2.41 6.73 -1.08
CA ILE A 31 -3.07 6.61 -2.37
C ILE A 31 -4.21 7.62 -2.52
N TYR A 32 -5.07 7.82 -1.52
CA TYR A 32 -6.17 8.77 -1.64
C TYR A 32 -5.65 10.18 -1.84
N LEU A 33 -4.70 10.59 -1.01
CA LEU A 33 -4.14 11.93 -1.11
C LEU A 33 -3.43 12.15 -2.44
N SER A 34 -2.66 11.17 -2.91
CA SER A 34 -1.96 11.32 -4.19
C SER A 34 -2.96 11.53 -5.33
N GLY A 35 -4.09 10.85 -5.23
CA GLY A 35 -5.14 10.97 -6.24
C GLY A 35 -5.81 12.33 -6.13
N LEU A 36 -5.97 12.79 -4.90
CA LEU A 36 -6.60 14.07 -4.62
C LEU A 36 -5.80 15.21 -5.25
N HIS A 37 -4.48 15.07 -5.24
CA HIS A 37 -3.61 16.09 -5.81
C HIS A 37 -3.66 16.00 -7.32
N SER A 38 -3.96 14.80 -7.83
CA SER A 38 -4.06 14.57 -9.25
C SER A 38 -5.24 15.35 -9.84
N TRP A 39 -6.01 16.00 -8.97
CA TRP A 39 -7.17 16.77 -9.43
C TRP A 39 -6.72 18.01 -10.19
N LYS A 40 -5.62 18.60 -9.75
CA LYS A 40 -5.10 19.80 -10.40
C LYS A 40 -4.34 19.40 -11.67
N LYS A 41 -4.60 20.12 -12.76
CA LYS A 41 -3.91 19.83 -14.02
C LYS A 41 -2.50 20.41 -13.99
N LYS A 42 -1.58 19.73 -14.65
CA LYS A 42 -0.19 20.20 -14.69
C LYS A 42 0.49 19.73 -15.96
N MET A 1 21.74 -10.67 18.64
CA MET A 1 20.30 -10.74 19.01
C MET A 1 19.60 -9.47 18.54
N ALA A 2 18.39 -9.25 19.05
CA ALA A 2 17.63 -8.06 18.68
C ALA A 2 17.47 -7.97 17.16
N GLU A 3 16.27 -8.19 16.68
CA GLU A 3 16.01 -8.13 15.24
C GLU A 3 14.69 -7.44 14.96
N ALA A 4 14.60 -6.76 13.82
CA ALA A 4 13.39 -6.05 13.45
C ALA A 4 13.22 -6.04 11.93
N HIS A 5 11.96 -5.99 11.49
CA HIS A 5 11.64 -5.98 10.06
C HIS A 5 11.07 -4.62 9.66
N GLN A 6 11.43 -4.16 8.46
CA GLN A 6 10.95 -2.87 7.98
C GLN A 6 9.48 -2.97 7.55
N ALA A 7 8.70 -1.95 7.90
CA ALA A 7 7.28 -1.92 7.56
C ALA A 7 7.09 -1.83 6.05
N VAL A 8 6.07 -2.53 5.55
CA VAL A 8 5.77 -2.53 4.11
C VAL A 8 4.34 -2.06 3.86
N ALA A 9 4.19 -1.18 2.88
CA ALA A 9 2.87 -0.65 2.52
C ALA A 9 2.03 -1.73 1.84
N PHE A 10 2.70 -2.54 1.03
CA PHE A 10 1.98 -3.59 0.30
C PHE A 10 2.79 -4.89 0.20
N GLN A 11 2.13 -6.01 0.48
CA GLN A 11 2.77 -7.32 0.42
C GLN A 11 1.97 -8.27 -0.46
N PHE A 12 2.67 -8.92 -1.39
CA PHE A 12 2.01 -9.85 -2.31
C PHE A 12 2.68 -11.22 -2.23
N THR A 13 1.91 -12.27 -1.94
CA THR A 13 2.47 -13.62 -1.83
C THR A 13 1.66 -14.66 -2.58
N VAL A 14 2.38 -15.48 -3.33
CA VAL A 14 1.75 -16.54 -4.11
C VAL A 14 1.86 -17.87 -3.37
N THR A 15 0.71 -18.52 -3.12
CA THR A 15 0.72 -19.80 -2.42
C THR A 15 0.04 -20.86 -3.29
N PRO A 16 0.33 -22.12 -3.09
CA PRO A 16 -0.29 -23.20 -3.89
C PRO A 16 -1.80 -23.03 -3.93
N ASP A 17 -2.41 -22.55 -2.86
CA ASP A 17 -3.85 -22.37 -2.83
C ASP A 17 -4.29 -21.13 -3.59
N GLY A 18 -3.41 -20.16 -3.85
CA GLY A 18 -3.82 -18.98 -4.59
C GLY A 18 -2.84 -17.83 -4.42
N ILE A 19 -3.36 -16.61 -4.26
CA ILE A 19 -2.52 -15.45 -4.07
C ILE A 19 -3.07 -14.63 -2.91
N ASP A 20 -2.17 -13.90 -2.26
CA ASP A 20 -2.54 -13.07 -1.11
C ASP A 20 -1.96 -11.68 -1.27
N LEU A 21 -2.75 -10.67 -0.91
CA LEU A 21 -2.29 -9.29 -1.03
C LEU A 21 -2.67 -8.51 0.22
N ARG A 22 -1.65 -8.04 0.93
CA ARG A 22 -1.86 -7.27 2.16
C ARG A 22 -1.45 -5.82 1.97
N LEU A 23 -2.27 -4.92 2.50
CA LEU A 23 -1.95 -3.49 2.40
C LEU A 23 -2.26 -2.78 3.70
N SER A 24 -1.31 -1.97 4.16
CA SER A 24 -1.47 -1.22 5.40
C SER A 24 -2.42 -0.05 5.21
N HIS A 25 -3.13 0.31 6.28
CA HIS A 25 -4.08 1.41 6.23
C HIS A 25 -3.36 2.68 5.78
N GLU A 26 -2.07 2.73 6.07
CA GLU A 26 -1.25 3.86 5.68
C GLU A 26 -1.11 3.90 4.16
N ALA A 27 -1.00 2.72 3.56
CA ALA A 27 -0.87 2.61 2.11
C ALA A 27 -2.10 3.21 1.43
N LEU A 28 -3.25 3.04 2.09
CA LEU A 28 -4.52 3.56 1.58
C LEU A 28 -4.56 5.08 1.63
N ARG A 29 -4.01 5.63 2.70
CA ARG A 29 -4.00 7.07 2.90
C ARG A 29 -3.18 7.76 1.82
N GLN A 30 -2.08 7.16 1.39
CA GLN A 30 -1.24 7.76 0.36
C GLN A 30 -1.95 7.71 -0.98
N ILE A 31 -2.56 6.57 -1.25
CA ILE A 31 -3.24 6.38 -2.52
C ILE A 31 -4.41 7.36 -2.70
N TYR A 32 -5.27 7.57 -1.70
CA TYR A 32 -6.38 8.50 -1.85
C TYR A 32 -5.84 9.94 -2.02
N LEU A 33 -4.92 10.32 -1.16
CA LEU A 33 -4.33 11.66 -1.22
C LEU A 33 -3.59 11.86 -2.52
N SER A 34 -2.83 10.87 -2.98
CA SER A 34 -2.10 11.01 -4.24
C SER A 34 -3.06 11.24 -5.39
N GLY A 35 -4.22 10.59 -5.31
CA GLY A 35 -5.25 10.73 -6.33
C GLY A 35 -5.92 12.09 -6.23
N LEU A 36 -6.10 12.54 -5.00
CA LEU A 36 -6.73 13.82 -4.71
C LEU A 36 -5.94 14.96 -5.33
N HIS A 37 -4.62 14.86 -5.32
CA HIS A 37 -3.76 15.89 -5.90
C HIS A 37 -3.76 15.78 -7.42
N SER A 38 -4.20 14.65 -7.93
CA SER A 38 -4.25 14.43 -9.37
C SER A 38 -5.32 15.32 -9.99
N TRP A 39 -6.08 16.02 -9.14
CA TRP A 39 -7.13 16.90 -9.64
C TRP A 39 -6.53 18.16 -10.27
N LYS A 40 -5.41 18.62 -9.71
CA LYS A 40 -4.73 19.82 -10.23
C LYS A 40 -5.65 21.03 -10.21
N LYS A 41 -5.92 21.54 -9.01
CA LYS A 41 -6.79 22.71 -8.88
C LYS A 41 -6.09 23.95 -9.38
N LYS A 42 -6.81 24.77 -10.14
CA LYS A 42 -6.24 26.00 -10.69
C LYS A 42 -5.61 26.82 -9.57
N MET A 1 23.03 0.92 9.65
CA MET A 1 24.00 1.76 8.90
C MET A 1 23.29 2.97 8.30
N ALA A 2 22.31 2.73 7.43
CA ALA A 2 21.58 3.83 6.80
C ALA A 2 20.67 4.54 7.79
N GLU A 3 20.64 5.85 7.70
CA GLU A 3 19.83 6.67 8.58
C GLU A 3 18.35 6.44 8.31
N ALA A 4 18.02 6.27 7.03
CA ALA A 4 16.64 6.03 6.63
C ALA A 4 16.17 4.67 7.12
N HIS A 5 14.88 4.55 7.39
CA HIS A 5 14.33 3.27 7.86
C HIS A 5 13.46 2.63 6.79
N GLN A 6 13.70 1.35 6.53
CA GLN A 6 12.92 0.64 5.53
C GLN A 6 11.52 0.33 6.06
N ALA A 7 10.54 0.48 5.20
CA ALA A 7 9.16 0.23 5.58
C ALA A 7 8.41 -0.49 4.45
N VAL A 8 7.44 -1.32 4.83
CA VAL A 8 6.64 -2.07 3.86
C VAL A 8 5.16 -1.75 4.06
N ALA A 9 4.47 -1.42 2.97
CA ALA A 9 3.04 -1.09 3.05
C ALA A 9 2.20 -2.05 2.21
N PHE A 10 2.85 -2.71 1.25
CA PHE A 10 2.15 -3.65 0.39
C PHE A 10 2.90 -4.98 0.25
N GLN A 11 2.22 -6.11 0.44
CA GLN A 11 2.87 -7.42 0.31
C GLN A 11 2.03 -8.37 -0.53
N PHE A 12 2.71 -9.07 -1.44
CA PHE A 12 2.03 -10.03 -2.31
C PHE A 12 2.70 -11.39 -2.20
N THR A 13 1.94 -12.42 -1.82
CA THR A 13 2.50 -13.77 -1.65
C THR A 13 1.71 -14.83 -2.43
N VAL A 14 2.45 -15.62 -3.20
CA VAL A 14 1.82 -16.68 -3.99
C VAL A 14 1.91 -18.03 -3.29
N THR A 15 0.76 -18.68 -3.10
CA THR A 15 0.74 -19.99 -2.45
C THR A 15 0.08 -21.02 -3.37
N PRO A 16 0.32 -22.29 -3.18
CA PRO A 16 -0.31 -23.35 -4.02
C PRO A 16 -1.82 -23.14 -4.06
N ASP A 17 -2.43 -22.69 -2.97
CA ASP A 17 -3.87 -22.48 -2.91
C ASP A 17 -4.32 -21.22 -3.65
N GLY A 18 -3.43 -20.25 -3.89
CA GLY A 18 -3.85 -19.05 -4.59
C GLY A 18 -2.85 -17.93 -4.42
N ILE A 19 -3.34 -16.71 -4.22
CA ILE A 19 -2.50 -15.56 -4.01
C ILE A 19 -3.02 -14.77 -2.83
N ASP A 20 -2.11 -14.08 -2.14
CA ASP A 20 -2.47 -13.28 -0.98
C ASP A 20 -1.92 -11.87 -1.15
N LEU A 21 -2.70 -10.88 -0.77
CA LEU A 21 -2.25 -9.50 -0.89
C LEU A 21 -2.63 -8.73 0.36
N ARG A 22 -1.62 -8.17 1.03
CA ARG A 22 -1.84 -7.39 2.23
C ARG A 22 -1.51 -5.93 1.96
N LEU A 23 -2.35 -5.05 2.50
CA LEU A 23 -2.12 -3.63 2.31
C LEU A 23 -2.37 -2.89 3.63
N SER A 24 -1.45 -2.02 3.99
CA SER A 24 -1.53 -1.26 5.23
C SER A 24 -2.49 -0.08 5.05
N HIS A 25 -3.19 0.25 6.12
CA HIS A 25 -4.14 1.35 6.12
C HIS A 25 -3.41 2.63 5.72
N GLU A 26 -2.12 2.66 6.01
CA GLU A 26 -1.29 3.80 5.67
C GLU A 26 -1.13 3.90 4.15
N ALA A 27 -1.05 2.75 3.48
CA ALA A 27 -0.92 2.74 2.03
C ALA A 27 -2.14 3.38 1.38
N LEU A 28 -3.29 3.21 2.03
CA LEU A 28 -4.55 3.77 1.53
C LEU A 28 -4.52 5.29 1.64
N ARG A 29 -3.95 5.77 2.74
CA ARG A 29 -3.85 7.20 2.97
C ARG A 29 -3.06 7.88 1.87
N GLN A 30 -1.95 7.29 1.44
CA GLN A 30 -1.14 7.90 0.40
C GLN A 30 -1.87 7.86 -0.92
N ILE A 31 -2.49 6.73 -1.20
CA ILE A 31 -3.19 6.55 -2.46
C ILE A 31 -4.35 7.53 -2.61
N TYR A 32 -5.20 7.72 -1.61
CA TYR A 32 -6.32 8.64 -1.73
C TYR A 32 -5.83 10.07 -1.97
N LEU A 33 -4.89 10.54 -1.15
CA LEU A 33 -4.37 11.89 -1.30
C LEU A 33 -3.66 12.08 -2.63
N SER A 34 -2.87 11.10 -3.07
CA SER A 34 -2.15 11.21 -4.34
C SER A 34 -3.14 11.43 -5.47
N GLY A 35 -4.29 10.76 -5.37
CA GLY A 35 -5.34 10.88 -6.37
C GLY A 35 -6.00 12.25 -6.29
N LEU A 36 -6.18 12.72 -5.07
CA LEU A 36 -6.81 14.01 -4.83
C LEU A 36 -6.03 15.15 -5.49
N HIS A 37 -4.70 15.03 -5.46
CA HIS A 37 -3.84 16.06 -6.05
C HIS A 37 -3.85 15.96 -7.57
N SER A 38 -4.33 14.83 -8.07
CA SER A 38 -4.40 14.60 -9.51
C SER A 38 -5.47 15.51 -10.11
N TRP A 39 -6.20 16.26 -9.28
CA TRP A 39 -7.22 17.16 -9.82
C TRP A 39 -6.59 18.49 -10.22
N LYS A 40 -5.39 18.74 -9.73
CA LYS A 40 -4.69 19.97 -10.06
C LYS A 40 -5.54 21.18 -9.70
N LYS A 41 -5.60 21.48 -8.40
CA LYS A 41 -6.38 22.61 -7.93
C LYS A 41 -5.74 23.93 -8.34
N LYS A 42 -6.55 24.85 -8.85
CA LYS A 42 -6.05 26.15 -9.27
C LYS A 42 -7.12 27.22 -9.15
N MET A 1 12.40 -11.98 20.06
CA MET A 1 13.11 -11.29 21.17
C MET A 1 13.32 -9.82 20.82
N ALA A 2 14.34 -9.54 20.01
CA ALA A 2 14.63 -8.17 19.61
C ALA A 2 14.92 -8.09 18.12
N GLU A 3 14.41 -9.07 17.37
CA GLU A 3 14.61 -9.11 15.93
C GLU A 3 13.92 -7.94 15.24
N ALA A 4 14.63 -7.32 14.29
CA ALA A 4 14.07 -6.19 13.56
C ALA A 4 12.89 -6.64 12.70
N HIS A 5 11.88 -5.78 12.59
CA HIS A 5 10.70 -6.10 11.80
C HIS A 5 10.62 -5.21 10.56
N GLN A 6 10.29 -5.81 9.42
CA GLN A 6 10.19 -5.05 8.17
C GLN A 6 8.75 -5.09 7.67
N ALA A 7 8.20 -3.91 7.37
CA ALA A 7 6.83 -3.83 6.88
C ALA A 7 6.79 -3.00 5.60
N VAL A 8 5.81 -3.29 4.75
CA VAL A 8 5.69 -2.58 3.49
C VAL A 8 4.25 -2.09 3.31
N ALA A 9 4.05 -1.17 2.36
CA ALA A 9 2.72 -0.64 2.09
C ALA A 9 1.86 -1.71 1.42
N PHE A 10 2.50 -2.49 0.54
CA PHE A 10 1.76 -3.55 -0.17
C PHE A 10 2.59 -4.84 -0.29
N GLN A 11 1.95 -5.98 0.01
CA GLN A 11 2.64 -7.28 -0.08
C GLN A 11 1.81 -8.28 -0.85
N PHE A 12 2.49 -9.01 -1.73
CA PHE A 12 1.84 -10.02 -2.55
C PHE A 12 2.58 -11.35 -2.44
N THR A 13 1.88 -12.40 -2.00
CA THR A 13 2.52 -13.71 -1.84
C THR A 13 1.72 -14.82 -2.53
N VAL A 14 2.45 -15.65 -3.29
CA VAL A 14 1.81 -16.75 -4.00
C VAL A 14 1.95 -18.05 -3.19
N THR A 15 0.82 -18.70 -2.91
CA THR A 15 0.86 -19.95 -2.16
C THR A 15 0.28 -21.06 -3.03
N PRO A 16 0.57 -22.28 -2.71
CA PRO A 16 0.03 -23.43 -3.49
C PRO A 16 -1.49 -23.38 -3.48
N ASP A 17 -2.09 -22.81 -2.44
CA ASP A 17 -3.54 -22.72 -2.36
C ASP A 17 -4.07 -21.53 -3.15
N GLY A 18 -3.23 -20.54 -3.49
CA GLY A 18 -3.73 -19.40 -4.24
C GLY A 18 -2.77 -18.22 -4.15
N ILE A 19 -3.32 -17.02 -4.00
CA ILE A 19 -2.52 -15.81 -3.88
C ILE A 19 -3.05 -14.99 -2.71
N ASP A 20 -2.13 -14.24 -2.10
CA ASP A 20 -2.47 -13.39 -0.97
C ASP A 20 -1.98 -11.98 -1.22
N LEU A 21 -2.79 -11.01 -0.86
CA LEU A 21 -2.40 -9.62 -1.06
C LEU A 21 -2.76 -8.81 0.17
N ARG A 22 -1.77 -8.11 0.71
CA ARG A 22 -1.96 -7.31 1.91
C ARG A 22 -1.55 -5.87 1.70
N LEU A 23 -2.37 -4.96 2.24
CA LEU A 23 -2.06 -3.55 2.11
C LEU A 23 -2.36 -2.85 3.42
N SER A 24 -1.44 -2.01 3.86
CA SER A 24 -1.60 -1.28 5.10
C SER A 24 -2.57 -0.12 4.94
N HIS A 25 -3.24 0.23 6.03
CA HIS A 25 -4.20 1.33 6.03
C HIS A 25 -3.51 2.61 5.55
N GLU A 26 -2.20 2.66 5.81
CA GLU A 26 -1.41 3.80 5.40
C GLU A 26 -1.30 3.86 3.88
N ALA A 27 -1.20 2.68 3.25
CA ALA A 27 -1.09 2.60 1.80
C ALA A 27 -2.33 3.21 1.16
N LEU A 28 -3.46 3.08 1.86
CA LEU A 28 -4.71 3.64 1.40
C LEU A 28 -4.69 5.17 1.53
N ARG A 29 -4.11 5.62 2.63
CA ARG A 29 -4.02 7.05 2.92
C ARG A 29 -3.17 7.77 1.88
N GLN A 30 -2.07 7.17 1.42
CA GLN A 30 -1.22 7.80 0.43
C GLN A 30 -1.91 7.82 -0.93
N ILE A 31 -2.55 6.71 -1.25
CA ILE A 31 -3.23 6.58 -2.54
C ILE A 31 -4.37 7.59 -2.68
N TYR A 32 -5.23 7.77 -1.67
CA TYR A 32 -6.33 8.72 -1.77
C TYR A 32 -5.81 10.14 -1.93
N LEU A 33 -4.86 10.51 -1.07
CA LEU A 33 -4.27 11.85 -1.12
C LEU A 33 -3.53 12.09 -2.42
N SER A 34 -2.78 11.10 -2.91
CA SER A 34 -2.03 11.25 -4.14
C SER A 34 -2.97 11.56 -5.29
N GLY A 35 -4.14 10.93 -5.26
CA GLY A 35 -5.16 11.15 -6.28
C GLY A 35 -5.80 12.51 -6.12
N LEU A 36 -5.95 12.92 -4.86
CA LEU A 36 -6.56 14.20 -4.54
C LEU A 36 -5.75 15.36 -5.13
N HIS A 37 -4.44 15.21 -5.12
CA HIS A 37 -3.57 16.25 -5.66
C HIS A 37 -3.58 16.21 -7.18
N SER A 38 -4.01 15.07 -7.72
CA SER A 38 -4.08 14.89 -9.16
C SER A 38 -5.24 15.70 -9.75
N TRP A 39 -6.00 16.36 -8.88
CA TRP A 39 -7.12 17.17 -9.35
C TRP A 39 -6.60 18.44 -10.00
N LYS A 40 -5.49 18.97 -9.48
CA LYS A 40 -4.92 20.19 -10.03
C LYS A 40 -3.70 19.89 -10.89
N LYS A 41 -3.53 20.68 -11.94
CA LYS A 41 -2.42 20.49 -12.85
C LYS A 41 -1.12 21.01 -12.23
N LYS A 42 -0.03 20.30 -12.50
CA LYS A 42 1.28 20.69 -11.97
C LYS A 42 1.95 21.70 -12.88
#